data_2PTQ
#
_entry.id   2PTQ
#
_cell.length_a   99.131
_cell.length_b   143.435
_cell.length_c   69.483
_cell.angle_alpha   90.00
_cell.angle_beta   90.00
_cell.angle_gamma   90.00
#
_symmetry.space_group_name_H-M   'P 21 21 2'
#
loop_
_entity.id
_entity.type
_entity.pdbx_description
1 polymer 'Adenylosuccinate lyase'
2 non-polymer 'FUMARIC ACID'
3 non-polymer 'ADENOSINE MONOPHOSPHATE'
4 water water
#
_entity_poly.entity_id   1
_entity_poly.type   'polypeptide(L)'
_entity_poly.pdbx_seq_one_letter_code
;MELSSLTAVSPVDGRYGDKVSALRGIFSEYGLLKFRVQVEVRWLQKLAAHAAIKEVPAFAADAIGYLDAIVASFSEEDAA
RIKTIERTTNHDVKAVEYFLKEKVAEIPELHAVSEFIHFACTSEDINNLSHALMLKTARDEVILPYWRQLIDGLKDLAVQ
YRDIPLLSRTNGQPATPSTIGKEMANVAYRMERQYRQLNQVEILGKINGAVGNYNAHIAAYPEVDWHQFSEEFVTSLGIQ
WNPYTTQIEPHDYIAELFDCVARFNTILIDFDRDVWGYIALNHFKQKTIAGEIGSSTMPHKVNPIDFENSEGNLGLSNAV
LQHLASKLPVSRWQRDLTDSTVLRNLGVGIGYALIAYQSTLKGVSKLEVNRDHLLDELDHNWEVLAEPIQTVMRRYGIEK
PYEKLKELTRGKRVDAEGMKQFIDGLALPEEEKARLKAMTPANYIGRAITMVDELKHHHHHH
;
_entity_poly.pdbx_strand_id   A,B
#
# COMPACT_ATOMS: atom_id res chain seq x y z
N MET A 1 11.73 16.80 12.76
CA MET A 1 11.06 16.25 13.97
C MET A 1 11.47 14.80 14.23
N GLU A 2 11.74 14.49 15.49
CA GLU A 2 12.12 13.14 15.88
C GLU A 2 10.89 12.25 15.76
N LEU A 3 11.12 10.97 15.45
CA LEU A 3 10.04 10.02 15.30
C LEU A 3 9.33 9.71 16.62
N SER A 4 8.01 9.77 16.57
CA SER A 4 7.16 9.46 17.72
C SER A 4 5.85 9.03 17.09
N SER A 5 4.95 8.44 17.87
CA SER A 5 3.68 8.01 17.31
C SER A 5 2.93 9.21 16.72
N LEU A 6 3.18 10.39 17.28
CA LEU A 6 2.53 11.60 16.78
C LEU A 6 3.09 12.10 15.45
N THR A 7 4.39 11.94 15.24
CA THR A 7 5.03 12.41 14.00
C THR A 7 5.20 11.33 12.93
N ALA A 8 4.91 10.09 13.26
CA ALA A 8 5.03 8.99 12.31
C ALA A 8 4.23 9.27 11.04
N VAL A 9 4.84 9.03 9.88
CA VAL A 9 4.18 9.25 8.59
C VAL A 9 3.02 8.27 8.40
N SER A 10 3.27 7.01 8.70
CA SER A 10 2.26 5.96 8.55
C SER A 10 1.41 5.79 9.81
N PRO A 11 0.07 5.66 9.65
CA PRO A 11 -0.82 5.50 10.80
C PRO A 11 -0.69 4.13 11.44
N VAL A 12 0.04 3.24 10.78
CA VAL A 12 0.24 1.90 11.31
C VAL A 12 1.20 2.03 12.50
N ASP A 13 2.08 3.02 12.45
CA ASP A 13 3.02 3.26 13.54
C ASP A 13 2.60 4.53 14.28
N GLY A 14 1.70 5.29 13.67
CA GLY A 14 1.23 6.52 14.27
C GLY A 14 -0.06 6.37 15.07
N ARG A 15 -1.15 6.92 14.55
CA ARG A 15 -2.44 6.87 15.23
C ARG A 15 -2.86 5.48 15.73
N TYR A 16 -2.59 4.44 14.94
CA TYR A 16 -2.98 3.09 15.34
C TYR A 16 -1.82 2.26 15.86
N GLY A 17 -0.71 2.90 16.16
CA GLY A 17 0.47 2.20 16.65
C GLY A 17 0.20 1.23 17.78
N ASP A 18 -0.60 1.64 18.76
CA ASP A 18 -0.90 0.78 19.90
C ASP A 18 -1.79 -0.40 19.54
N LYS A 19 -2.37 -0.37 18.33
CA LYS A 19 -3.23 -1.46 17.89
C LYS A 19 -2.44 -2.59 17.24
N VAL A 20 -1.19 -2.33 16.90
CA VAL A 20 -0.35 -3.34 16.24
C VAL A 20 1.02 -3.55 16.88
N SER A 21 1.14 -3.21 18.16
CA SER A 21 2.41 -3.34 18.87
C SER A 21 3.09 -4.71 18.70
N ALA A 22 2.31 -5.78 18.68
CA ALA A 22 2.87 -7.11 18.52
C ALA A 22 3.72 -7.23 17.25
N LEU A 23 3.37 -6.49 16.21
CA LEU A 23 4.11 -6.54 14.96
C LEU A 23 5.50 -5.89 15.03
N ARG A 24 5.70 -5.01 16.02
CA ARG A 24 6.99 -4.33 16.19
C ARG A 24 8.12 -5.31 16.50
N GLY A 25 7.77 -6.42 17.13
CA GLY A 25 8.80 -7.40 17.45
C GLY A 25 8.95 -8.43 16.36
N ILE A 26 8.18 -8.29 15.28
CA ILE A 26 8.22 -9.26 14.18
C ILE A 26 8.66 -8.75 12.81
N PHE A 27 7.95 -7.76 12.27
CA PHE A 27 8.22 -7.26 10.93
C PHE A 27 9.14 -6.04 10.77
N SER A 28 9.44 -5.37 11.87
CA SER A 28 10.29 -4.19 11.86
C SER A 28 11.74 -4.59 11.57
N GLU A 29 12.62 -3.60 11.48
CA GLU A 29 14.02 -3.88 11.22
C GLU A 29 14.58 -4.63 12.41
N TYR A 30 14.10 -4.30 13.61
CA TYR A 30 14.54 -4.98 14.81
C TYR A 30 14.13 -6.45 14.75
N GLY A 31 12.89 -6.70 14.33
CA GLY A 31 12.40 -8.06 14.23
C GLY A 31 13.15 -8.87 13.18
N LEU A 32 13.38 -8.25 12.03
CA LEU A 32 14.10 -8.88 10.93
C LEU A 32 15.49 -9.30 11.44
N LEU A 33 16.18 -8.37 12.09
CA LEU A 33 17.50 -8.62 12.63
C LEU A 33 17.50 -9.71 13.70
N LYS A 34 16.48 -9.72 14.55
CA LYS A 34 16.41 -10.72 15.60
C LYS A 34 16.29 -12.12 15.01
N PHE A 35 15.44 -12.29 14.01
CA PHE A 35 15.29 -13.60 13.38
C PHE A 35 16.56 -13.97 12.62
N ARG A 36 17.20 -13.00 11.99
CA ARG A 36 18.44 -13.29 11.27
C ARG A 36 19.45 -13.88 12.25
N VAL A 37 19.53 -13.28 13.43
CA VAL A 37 20.45 -13.77 14.45
C VAL A 37 20.10 -15.18 14.88
N GLN A 38 18.79 -15.45 15.02
CA GLN A 38 18.33 -16.78 15.41
C GLN A 38 18.80 -17.82 14.38
N VAL A 39 18.54 -17.53 13.11
CA VAL A 39 18.93 -18.45 12.05
C VAL A 39 20.44 -18.67 12.00
N GLU A 40 21.21 -17.58 12.09
CA GLU A 40 22.68 -17.70 12.05
C GLU A 40 23.17 -18.57 13.21
N VAL A 41 22.63 -18.34 14.40
CA VAL A 41 23.01 -19.10 15.57
C VAL A 41 22.70 -20.58 15.41
N ARG A 42 21.48 -20.89 14.94
CA ARG A 42 21.08 -22.29 14.74
C ARG A 42 21.93 -22.97 13.68
N TRP A 43 22.34 -22.20 12.67
CA TRP A 43 23.17 -22.76 11.61
C TRP A 43 24.49 -23.20 12.21
N LEU A 44 25.10 -22.31 12.99
CA LEU A 44 26.37 -22.61 13.63
C LEU A 44 26.19 -23.83 14.55
N GLN A 45 25.10 -23.86 15.30
CA GLN A 45 24.83 -24.96 16.20
C GLN A 45 24.69 -26.31 15.47
N LYS A 46 24.14 -26.29 14.27
CA LYS A 46 24.00 -27.55 13.53
C LYS A 46 25.37 -28.02 13.03
N LEU A 47 26.19 -27.08 12.59
CA LEU A 47 27.53 -27.43 12.11
C LEU A 47 28.33 -28.10 13.22
N ALA A 48 28.20 -27.56 14.43
CA ALA A 48 28.90 -28.11 15.59
C ALA A 48 28.42 -29.52 15.90
N ALA A 49 27.11 -29.70 15.90
CA ALA A 49 26.51 -30.99 16.20
C ALA A 49 26.76 -32.03 15.10
N HIS A 50 27.12 -31.59 13.90
CA HIS A 50 27.37 -32.51 12.80
C HIS A 50 28.76 -33.14 12.96
N ALA A 51 28.78 -34.42 13.31
CA ALA A 51 30.04 -35.15 13.51
C ALA A 51 31.01 -35.10 12.34
N ALA A 52 30.49 -35.17 11.12
CA ALA A 52 31.33 -35.15 9.93
C ALA A 52 32.08 -33.83 9.75
N ILE A 53 31.56 -32.77 10.35
CA ILE A 53 32.21 -31.46 10.26
C ILE A 53 33.05 -31.30 11.51
N LYS A 54 34.22 -31.96 11.50
CA LYS A 54 35.13 -31.96 12.63
C LYS A 54 35.76 -30.62 13.00
N GLU A 55 35.87 -29.71 12.04
CA GLU A 55 36.45 -28.39 12.33
C GLU A 55 35.59 -27.60 13.30
N VAL A 56 34.38 -28.06 13.54
CA VAL A 56 33.49 -27.40 14.47
C VAL A 56 32.99 -28.46 15.45
N PRO A 57 33.79 -28.75 16.49
CA PRO A 57 33.41 -29.75 17.48
C PRO A 57 32.12 -29.40 18.20
N ALA A 58 31.47 -30.40 18.76
CA ALA A 58 30.22 -30.21 19.47
C ALA A 58 30.43 -29.19 20.58
N PHE A 59 29.43 -28.33 20.78
CA PHE A 59 29.49 -27.28 21.80
C PHE A 59 29.05 -27.83 23.15
N ALA A 60 29.72 -27.40 24.22
CA ALA A 60 29.35 -27.84 25.56
C ALA A 60 28.10 -27.05 25.96
N ALA A 61 27.42 -27.49 27.01
CA ALA A 61 26.20 -26.85 27.48
C ALA A 61 26.27 -25.34 27.72
N ASP A 62 27.35 -24.88 28.33
CA ASP A 62 27.47 -23.45 28.61
C ASP A 62 27.61 -22.62 27.34
N ALA A 63 28.34 -23.15 26.36
CA ALA A 63 28.51 -22.43 25.10
C ALA A 63 27.18 -22.38 24.36
N ILE A 64 26.42 -23.47 24.43
CA ILE A 64 25.12 -23.53 23.77
C ILE A 64 24.17 -22.55 24.45
N GLY A 65 24.29 -22.45 25.77
CA GLY A 65 23.45 -21.53 26.52
C GLY A 65 23.80 -20.09 26.18
N TYR A 66 25.09 -19.82 25.98
CA TYR A 66 25.53 -18.48 25.63
C TYR A 66 24.98 -18.12 24.25
N LEU A 67 25.02 -19.06 23.32
CA LEU A 67 24.50 -18.79 21.98
C LEU A 67 22.98 -18.61 22.05
N ASP A 68 22.32 -19.45 22.83
CA ASP A 68 20.87 -19.35 22.95
C ASP A 68 20.49 -18.00 23.56
N ALA A 69 21.32 -17.50 24.47
CA ALA A 69 21.06 -16.22 25.12
C ALA A 69 21.14 -15.06 24.12
N ILE A 70 22.07 -15.15 23.18
CA ILE A 70 22.21 -14.11 22.17
C ILE A 70 20.89 -13.96 21.44
N VAL A 71 20.30 -15.11 21.09
CA VAL A 71 19.03 -15.15 20.39
C VAL A 71 17.89 -14.65 21.27
N ALA A 72 17.72 -15.28 22.42
CA ALA A 72 16.66 -14.95 23.35
C ALA A 72 16.67 -13.52 23.88
N SER A 73 17.84 -13.00 24.22
CA SER A 73 17.93 -11.64 24.78
C SER A 73 18.20 -10.53 23.77
N PHE A 74 18.23 -10.87 22.49
CA PHE A 74 18.49 -9.87 21.45
C PHE A 74 17.71 -8.59 21.72
N SER A 75 18.43 -7.48 21.89
CA SER A 75 17.81 -6.19 22.21
C SER A 75 17.94 -5.11 21.14
N GLU A 76 17.30 -3.97 21.36
CA GLU A 76 17.37 -2.88 20.41
C GLU A 76 18.81 -2.39 20.38
N GLU A 77 19.48 -2.50 21.52
CA GLU A 77 20.88 -2.08 21.62
C GLU A 77 21.72 -2.96 20.69
N ASP A 78 21.42 -4.26 20.66
CA ASP A 78 22.13 -5.19 19.80
C ASP A 78 21.86 -4.80 18.35
N ALA A 79 20.59 -4.51 18.06
CA ALA A 79 20.18 -4.13 16.71
C ALA A 79 20.93 -2.86 16.30
N ALA A 80 21.06 -1.92 17.22
CA ALA A 80 21.77 -0.67 16.95
C ALA A 80 23.23 -0.94 16.59
N ARG A 81 23.85 -1.90 17.27
CA ARG A 81 25.24 -2.25 16.98
C ARG A 81 25.34 -2.72 15.53
N ILE A 82 24.44 -3.61 15.12
CA ILE A 82 24.44 -4.10 13.76
C ILE A 82 24.30 -2.93 12.78
N LYS A 83 23.39 -2.02 13.07
CA LYS A 83 23.17 -0.85 12.22
C LYS A 83 24.44 0.00 12.15
N THR A 84 25.17 0.04 13.27
CA THR A 84 26.41 0.80 13.31
C THR A 84 27.43 0.15 12.38
N ILE A 85 27.53 -1.17 12.45
CA ILE A 85 28.46 -1.91 11.61
C ILE A 85 28.03 -1.77 10.14
N GLU A 86 26.73 -1.73 9.90
CA GLU A 86 26.20 -1.62 8.55
C GLU A 86 26.64 -0.29 7.91
N ARG A 87 26.87 0.73 8.73
CA ARG A 87 27.30 2.02 8.20
C ARG A 87 28.60 1.84 7.43
N THR A 88 29.38 0.83 7.80
CA THR A 88 30.64 0.56 7.13
C THR A 88 30.46 -0.43 5.98
N THR A 89 29.80 -1.56 6.26
CA THR A 89 29.60 -2.58 5.23
C THR A 89 28.62 -2.23 4.11
N ASN A 90 27.59 -1.45 4.44
CA ASN A 90 26.53 -1.09 3.49
C ASN A 90 25.89 -2.41 3.04
N HIS A 91 25.88 -3.36 3.97
CA HIS A 91 25.31 -4.69 3.74
C HIS A 91 24.84 -5.16 5.11
N ASP A 92 23.52 -5.27 5.27
CA ASP A 92 22.95 -5.65 6.55
C ASP A 92 23.27 -7.06 7.07
N VAL A 93 23.15 -8.08 6.24
CA VAL A 93 23.44 -9.43 6.72
C VAL A 93 24.91 -9.60 7.08
N LYS A 94 25.80 -8.93 6.36
CA LYS A 94 27.23 -9.04 6.67
C LYS A 94 27.46 -8.38 8.03
N ALA A 95 26.68 -7.34 8.33
CA ALA A 95 26.80 -6.65 9.61
C ALA A 95 26.35 -7.60 10.73
N VAL A 96 25.37 -8.44 10.44
CA VAL A 96 24.89 -9.40 11.42
C VAL A 96 26.00 -10.41 11.70
N GLU A 97 26.68 -10.86 10.66
CA GLU A 97 27.78 -11.82 10.81
C GLU A 97 28.88 -11.22 11.69
N TYR A 98 29.26 -9.99 11.40
CA TYR A 98 30.29 -9.33 12.20
C TYR A 98 29.82 -9.13 13.62
N PHE A 99 28.54 -8.80 13.78
CA PHE A 99 27.95 -8.63 15.11
C PHE A 99 28.17 -9.90 15.92
N LEU A 100 27.76 -11.03 15.36
CA LEU A 100 27.89 -12.31 16.03
C LEU A 100 29.34 -12.67 16.32
N LYS A 101 30.23 -12.36 15.39
CA LYS A 101 31.64 -12.65 15.58
C LYS A 101 32.16 -11.88 16.80
N GLU A 102 31.71 -10.63 16.95
CA GLU A 102 32.13 -9.83 18.09
C GLU A 102 31.59 -10.44 19.39
N LYS A 103 30.35 -10.93 19.32
CA LYS A 103 29.70 -11.53 20.48
C LYS A 103 30.33 -12.82 21.03
N VAL A 104 30.84 -13.66 20.15
CA VAL A 104 31.44 -14.93 20.56
C VAL A 104 32.91 -14.83 20.95
N ALA A 105 33.55 -13.71 20.59
CA ALA A 105 34.96 -13.49 20.86
C ALA A 105 35.40 -13.72 22.30
N GLU A 106 34.49 -13.51 23.26
CA GLU A 106 34.83 -13.69 24.67
C GLU A 106 34.70 -15.13 25.17
N ILE A 107 34.18 -16.01 24.33
CA ILE A 107 34.02 -17.41 24.69
C ILE A 107 34.97 -18.21 23.81
N PRO A 108 36.13 -18.63 24.36
CA PRO A 108 37.14 -19.39 23.62
C PRO A 108 36.59 -20.48 22.71
N GLU A 109 35.69 -21.30 23.25
CA GLU A 109 35.06 -22.38 22.50
C GLU A 109 34.42 -21.85 21.22
N LEU A 110 33.62 -20.81 21.38
CA LEU A 110 32.92 -20.18 20.26
C LEU A 110 33.84 -19.35 19.38
N HIS A 111 34.73 -18.58 20.00
CA HIS A 111 35.66 -17.75 19.27
C HIS A 111 36.52 -18.60 18.34
N ALA A 112 36.88 -19.80 18.79
CA ALA A 112 37.70 -20.70 18.00
C ALA A 112 37.06 -21.10 16.67
N VAL A 113 35.73 -21.10 16.61
CA VAL A 113 35.04 -21.45 15.38
C VAL A 113 34.34 -20.23 14.79
N SER A 114 34.90 -19.05 15.09
CA SER A 114 34.36 -17.77 14.63
C SER A 114 34.11 -17.68 13.13
N GLU A 115 35.06 -18.13 12.33
CA GLU A 115 34.91 -18.07 10.87
C GLU A 115 33.92 -19.06 10.30
N PHE A 116 33.25 -19.82 11.17
CA PHE A 116 32.24 -20.75 10.68
C PHE A 116 30.86 -20.13 10.77
N ILE A 117 30.80 -18.92 11.32
CA ILE A 117 29.54 -18.20 11.40
C ILE A 117 29.25 -17.79 9.95
N HIS A 118 28.04 -18.10 9.49
CA HIS A 118 27.59 -17.80 8.12
C HIS A 118 28.32 -18.70 7.11
N PHE A 119 28.95 -19.75 7.60
CA PHE A 119 29.71 -20.65 6.74
C PHE A 119 28.94 -21.12 5.50
N ALA A 120 29.49 -20.82 4.33
CA ALA A 120 28.90 -21.22 3.05
C ALA A 120 27.54 -20.60 2.73
N CYS A 121 27.05 -19.77 3.65
CA CYS A 121 25.75 -19.14 3.46
C CYS A 121 25.75 -17.91 2.57
N THR A 122 24.61 -17.68 1.92
CA THR A 122 24.43 -16.48 1.12
C THR A 122 23.42 -15.73 1.99
N SER A 123 23.38 -14.40 1.88
CA SER A 123 22.47 -13.61 2.70
C SER A 123 21.03 -14.08 2.65
N GLU A 124 20.54 -14.44 1.47
CA GLU A 124 19.16 -14.88 1.35
C GLU A 124 18.86 -16.18 2.11
N ASP A 125 19.88 -16.97 2.40
CA ASP A 125 19.63 -18.20 3.16
C ASP A 125 19.12 -17.78 4.53
N ILE A 126 19.66 -16.67 5.04
CA ILE A 126 19.26 -16.16 6.34
C ILE A 126 17.97 -15.36 6.22
N ASN A 127 17.91 -14.50 5.21
CA ASN A 127 16.72 -13.67 4.99
C ASN A 127 15.42 -14.46 4.79
N ASN A 128 15.42 -15.41 3.87
CA ASN A 128 14.20 -16.15 3.59
C ASN A 128 13.68 -16.90 4.82
N LEU A 129 14.60 -17.45 5.60
CA LEU A 129 14.21 -18.18 6.80
C LEU A 129 13.66 -17.21 7.84
N SER A 130 14.16 -15.99 7.84
CA SER A 130 13.68 -14.97 8.79
C SER A 130 12.26 -14.59 8.37
N HIS A 131 12.05 -14.38 7.08
CA HIS A 131 10.72 -14.02 6.57
C HIS A 131 9.72 -15.12 6.91
N ALA A 132 10.13 -16.38 6.74
CA ALA A 132 9.25 -17.50 7.03
C ALA A 132 8.87 -17.51 8.52
N LEU A 133 9.84 -17.26 9.38
CA LEU A 133 9.60 -17.23 10.82
C LEU A 133 8.68 -16.05 11.17
N MET A 134 8.89 -14.94 10.50
CA MET A 134 8.07 -13.76 10.73
C MET A 134 6.61 -14.04 10.37
N LEU A 135 6.40 -14.62 9.20
CA LEU A 135 5.06 -14.92 8.72
C LEU A 135 4.38 -16.03 9.55
N LYS A 136 5.13 -17.07 9.89
CA LYS A 136 4.54 -18.15 10.68
C LYS A 136 4.11 -17.63 12.05
N THR A 137 4.97 -16.80 12.65
CA THR A 137 4.67 -16.22 13.96
C THR A 137 3.42 -15.35 13.88
N ALA A 138 3.36 -14.49 12.87
CA ALA A 138 2.23 -13.59 12.69
C ALA A 138 0.93 -14.37 12.50
N ARG A 139 1.01 -15.43 11.69
CA ARG A 139 -0.19 -16.24 11.44
C ARG A 139 -0.70 -16.94 12.69
N ASP A 140 0.17 -17.72 13.33
CA ASP A 140 -0.22 -18.49 14.50
C ASP A 140 -0.47 -17.72 15.79
N GLU A 141 0.25 -16.62 15.98
CA GLU A 141 0.07 -15.85 17.21
C GLU A 141 -0.77 -14.59 17.10
N VAL A 142 -0.94 -14.07 15.88
CA VAL A 142 -1.70 -12.84 15.72
C VAL A 142 -2.93 -12.90 14.81
N ILE A 143 -2.73 -13.23 13.55
CA ILE A 143 -3.83 -13.26 12.59
C ILE A 143 -4.97 -14.23 12.91
N LEU A 144 -4.66 -15.51 13.01
CA LEU A 144 -5.67 -16.52 13.30
C LEU A 144 -6.43 -16.23 14.60
N PRO A 145 -5.75 -15.69 15.62
CA PRO A 145 -6.54 -15.42 16.83
C PRO A 145 -7.59 -14.34 16.60
N TYR A 146 -7.27 -13.35 15.78
CA TYR A 146 -8.25 -12.32 15.49
C TYR A 146 -9.37 -12.90 14.62
N TRP A 147 -9.00 -13.77 13.68
CA TRP A 147 -9.98 -14.41 12.82
C TRP A 147 -10.93 -15.27 13.63
N ARG A 148 -10.41 -15.94 14.66
CA ARG A 148 -11.25 -16.76 15.51
C ARG A 148 -12.23 -15.89 16.30
N GLN A 149 -11.76 -14.71 16.71
CA GLN A 149 -12.62 -13.79 17.46
C GLN A 149 -13.76 -13.28 16.58
N LEU A 150 -13.45 -13.00 15.31
CA LEU A 150 -14.46 -12.52 14.38
C LEU A 150 -15.48 -13.61 14.10
N ILE A 151 -14.98 -14.80 13.80
CA ILE A 151 -15.85 -15.94 13.52
C ILE A 151 -16.76 -16.24 14.72
N ASP A 152 -16.19 -16.37 15.91
CA ASP A 152 -16.98 -16.63 17.10
C ASP A 152 -17.97 -15.49 17.35
N GLY A 153 -17.53 -14.27 17.03
CA GLY A 153 -18.38 -13.11 17.21
C GLY A 153 -19.59 -13.16 16.29
N LEU A 154 -19.36 -13.50 15.02
CA LEU A 154 -20.46 -13.59 14.06
C LEU A 154 -21.39 -14.74 14.46
N LYS A 155 -20.83 -15.83 14.96
CA LYS A 155 -21.64 -16.97 15.38
C LYS A 155 -22.51 -16.59 16.58
N ASP A 156 -21.97 -15.76 17.47
CA ASP A 156 -22.73 -15.33 18.64
C ASP A 156 -23.91 -14.48 18.19
N LEU A 157 -23.69 -13.62 17.21
CA LEU A 157 -24.75 -12.77 16.68
C LEU A 157 -25.79 -13.65 15.99
N ALA A 158 -25.32 -14.66 15.27
CA ALA A 158 -26.21 -15.56 14.56
C ALA A 158 -27.18 -16.23 15.53
N VAL A 159 -26.66 -16.73 16.64
CA VAL A 159 -27.48 -17.39 17.64
C VAL A 159 -28.40 -16.40 18.35
N GLN A 160 -27.82 -15.27 18.75
CA GLN A 160 -28.56 -14.22 19.44
C GLN A 160 -29.73 -13.69 18.62
N TYR A 161 -29.56 -13.63 17.30
CA TYR A 161 -30.59 -13.10 16.39
C TYR A 161 -31.19 -14.17 15.48
N ARG A 162 -31.06 -15.44 15.88
CA ARG A 162 -31.56 -16.55 15.08
C ARG A 162 -32.99 -16.44 14.56
N ASP A 163 -33.90 -15.96 15.39
CA ASP A 163 -35.29 -15.87 14.99
C ASP A 163 -35.83 -14.48 14.69
N ILE A 164 -34.96 -13.49 14.59
CA ILE A 164 -35.41 -12.13 14.30
C ILE A 164 -35.61 -11.97 12.78
N PRO A 165 -36.88 -11.84 12.34
CA PRO A 165 -37.22 -11.67 10.92
C PRO A 165 -36.58 -10.44 10.29
N LEU A 166 -36.27 -10.54 9.00
CA LEU A 166 -35.67 -9.45 8.26
C LEU A 166 -36.21 -9.41 6.85
N LEU A 167 -36.59 -8.22 6.40
CA LEU A 167 -37.06 -8.06 5.03
C LEU A 167 -35.79 -8.02 4.21
N SER A 168 -35.50 -9.11 3.51
CA SER A 168 -34.31 -9.19 2.70
C SER A 168 -34.30 -8.13 1.60
N ARG A 169 -33.13 -7.87 1.07
CA ARG A 169 -32.97 -6.89 0.01
C ARG A 169 -32.12 -7.45 -1.13
N THR A 170 -32.71 -7.59 -2.31
CA THR A 170 -31.97 -8.03 -3.49
C THR A 170 -32.12 -6.91 -4.50
N ASN A 171 -31.02 -6.47 -5.09
CA ASN A 171 -31.01 -5.35 -6.02
C ASN A 171 -31.41 -4.14 -5.17
N GLY A 172 -31.23 -4.28 -3.85
CA GLY A 172 -31.58 -3.22 -2.92
C GLY A 172 -33.06 -3.14 -2.61
N GLN A 173 -33.86 -3.97 -3.28
CA GLN A 173 -35.32 -3.99 -3.13
C GLN A 173 -35.89 -5.04 -2.18
N PRO A 174 -37.04 -4.72 -1.54
CA PRO A 174 -37.73 -5.61 -0.59
C PRO A 174 -37.90 -6.98 -1.23
N ALA A 175 -37.43 -8.02 -0.55
CA ALA A 175 -37.51 -9.37 -1.07
C ALA A 175 -37.83 -10.42 -0.01
N THR A 176 -37.95 -11.66 -0.44
CA THR A 176 -38.25 -12.79 0.45
C THR A 176 -37.48 -12.69 1.76
N PRO A 177 -38.19 -12.65 2.89
CA PRO A 177 -37.61 -12.54 4.23
C PRO A 177 -36.60 -13.62 4.63
N SER A 178 -35.79 -13.27 5.62
CA SER A 178 -34.77 -14.15 6.18
C SER A 178 -34.76 -13.75 7.65
N THR A 179 -33.71 -14.08 8.38
CA THR A 179 -33.60 -13.67 9.77
C THR A 179 -32.24 -13.02 9.93
N ILE A 180 -32.12 -12.09 10.88
CA ILE A 180 -30.85 -11.42 11.11
C ILE A 180 -29.78 -12.47 11.40
N GLY A 181 -30.13 -13.47 12.20
CA GLY A 181 -29.19 -14.52 12.54
C GLY A 181 -28.68 -15.30 11.35
N LYS A 182 -29.56 -15.58 10.40
CA LYS A 182 -29.18 -16.32 9.20
C LYS A 182 -28.15 -15.53 8.40
N GLU A 183 -28.35 -14.22 8.28
CA GLU A 183 -27.44 -13.38 7.53
C GLU A 183 -26.06 -13.31 8.18
N MET A 184 -26.03 -13.48 9.50
CA MET A 184 -24.76 -13.48 10.24
C MET A 184 -24.09 -14.82 10.02
N ALA A 185 -24.90 -15.89 10.05
CA ALA A 185 -24.37 -17.24 9.87
C ALA A 185 -23.65 -17.40 8.53
N ASN A 186 -24.23 -16.81 7.48
CA ASN A 186 -23.63 -16.90 6.16
C ASN A 186 -22.19 -16.41 6.17
N VAL A 187 -21.97 -15.27 6.85
CA VAL A 187 -20.64 -14.66 6.94
C VAL A 187 -19.66 -15.52 7.73
N ALA A 188 -20.12 -16.04 8.87
CA ALA A 188 -19.27 -16.87 9.70
C ALA A 188 -18.78 -18.08 8.92
N TYR A 189 -19.69 -18.65 8.12
CA TYR A 189 -19.36 -19.82 7.32
C TYR A 189 -18.26 -19.50 6.30
N ARG A 190 -18.37 -18.34 5.64
CA ARG A 190 -17.36 -17.94 4.65
C ARG A 190 -16.02 -17.68 5.33
N MET A 191 -16.06 -17.06 6.51
CA MET A 191 -14.84 -16.78 7.25
C MET A 191 -14.11 -18.05 7.64
N GLU A 192 -14.87 -19.05 8.07
CA GLU A 192 -14.32 -20.34 8.47
C GLU A 192 -13.61 -21.04 7.31
N ARG A 193 -14.14 -20.88 6.11
CA ARG A 193 -13.51 -21.50 4.94
C ARG A 193 -12.11 -20.91 4.78
N GLN A 194 -12.01 -19.59 4.83
CA GLN A 194 -10.71 -18.94 4.67
C GLN A 194 -9.79 -19.25 5.84
N TYR A 195 -10.36 -19.41 7.02
CA TYR A 195 -9.57 -19.73 8.21
C TYR A 195 -8.84 -21.06 7.96
N ARG A 196 -9.59 -22.05 7.51
CA ARG A 196 -9.00 -23.37 7.24
C ARG A 196 -7.93 -23.25 6.15
N GLN A 197 -8.20 -22.46 5.13
CA GLN A 197 -7.24 -22.31 4.04
C GLN A 197 -5.96 -21.63 4.51
N LEU A 198 -6.08 -20.52 5.24
CA LEU A 198 -4.90 -19.83 5.73
C LEU A 198 -4.04 -20.76 6.58
N ASN A 199 -4.70 -21.52 7.44
CA ASN A 199 -4.00 -22.45 8.33
C ASN A 199 -3.28 -23.55 7.53
N GLN A 200 -3.83 -23.88 6.36
CA GLN A 200 -3.24 -24.93 5.53
C GLN A 200 -2.14 -24.44 4.59
N VAL A 201 -1.99 -23.13 4.43
CA VAL A 201 -0.96 -22.60 3.55
C VAL A 201 0.43 -23.02 4.02
N GLU A 202 1.29 -23.38 3.07
CA GLU A 202 2.65 -23.80 3.39
C GLU A 202 3.58 -22.60 3.58
N ILE A 203 4.38 -22.63 4.63
CA ILE A 203 5.34 -21.55 4.87
C ILE A 203 6.68 -22.19 4.53
N LEU A 204 7.21 -21.84 3.37
CA LEU A 204 8.45 -22.42 2.87
C LEU A 204 9.75 -21.71 3.22
N GLY A 205 10.83 -22.50 3.24
CA GLY A 205 12.14 -21.97 3.55
C GLY A 205 13.21 -22.77 2.84
N LYS A 206 14.38 -22.17 2.67
CA LYS A 206 15.48 -22.85 2.00
C LYS A 206 16.82 -22.40 2.54
N ILE A 207 17.85 -23.13 2.17
CA ILE A 207 19.22 -22.80 2.54
C ILE A 207 20.04 -23.66 1.59
N ASN A 208 20.71 -23.01 0.66
CA ASN A 208 21.48 -23.74 -0.34
C ASN A 208 22.56 -22.92 -1.06
N GLY A 209 23.02 -21.85 -0.43
CA GLY A 209 24.07 -21.05 -1.03
C GLY A 209 23.69 -19.98 -2.04
N ALA A 210 24.73 -19.31 -2.52
CA ALA A 210 24.63 -18.20 -3.47
C ALA A 210 23.54 -18.28 -4.53
N VAL A 211 23.45 -19.39 -5.25
CA VAL A 211 22.45 -19.52 -6.29
C VAL A 211 21.57 -20.76 -6.19
N GLY A 212 21.67 -21.46 -5.06
CA GLY A 212 20.85 -22.64 -4.84
C GLY A 212 21.41 -24.02 -5.15
N ASN A 213 22.72 -24.10 -5.42
CA ASN A 213 23.35 -25.39 -5.73
C ASN A 213 24.40 -25.87 -4.73
N TYR A 214 24.44 -25.26 -3.55
CA TYR A 214 25.39 -25.66 -2.50
C TYR A 214 26.85 -25.59 -3.00
N ASN A 215 27.11 -24.74 -3.99
CA ASN A 215 28.46 -24.63 -4.55
C ASN A 215 29.56 -24.50 -3.50
N ALA A 216 29.44 -23.49 -2.64
CA ALA A 216 30.43 -23.23 -1.61
C ALA A 216 30.53 -24.38 -0.61
N HIS A 217 29.38 -24.93 -0.21
CA HIS A 217 29.34 -26.04 0.73
C HIS A 217 30.15 -27.23 0.21
N ILE A 218 29.89 -27.60 -1.03
CA ILE A 218 30.56 -28.72 -1.68
C ILE A 218 32.04 -28.47 -1.92
N ALA A 219 32.40 -27.21 -2.19
CA ALA A 219 33.80 -26.88 -2.43
C ALA A 219 34.66 -27.19 -1.21
N ALA A 220 34.14 -26.88 -0.02
CA ALA A 220 34.87 -27.11 1.23
C ALA A 220 34.65 -28.49 1.84
N TYR A 221 33.42 -28.97 1.78
CA TYR A 221 33.07 -30.27 2.34
C TYR A 221 32.34 -31.12 1.30
N PRO A 222 33.08 -31.67 0.32
CA PRO A 222 32.49 -32.50 -0.73
C PRO A 222 31.91 -33.84 -0.25
N GLU A 223 32.35 -34.30 0.91
CA GLU A 223 31.87 -35.58 1.44
C GLU A 223 30.59 -35.44 2.27
N VAL A 224 30.16 -34.21 2.51
CA VAL A 224 28.95 -33.98 3.30
C VAL A 224 27.73 -33.87 2.39
N ASP A 225 26.62 -34.47 2.81
CA ASP A 225 25.39 -34.43 2.03
C ASP A 225 24.65 -33.16 2.44
N TRP A 226 24.95 -32.07 1.74
CA TRP A 226 24.33 -30.79 2.05
C TRP A 226 22.84 -30.69 1.71
N HIS A 227 22.37 -31.54 0.80
CA HIS A 227 20.96 -31.50 0.44
C HIS A 227 20.15 -31.99 1.64
N GLN A 228 20.68 -33.02 2.31
CA GLN A 228 20.03 -33.57 3.49
C GLN A 228 20.19 -32.56 4.62
N PHE A 229 21.37 -31.98 4.71
CA PHE A 229 21.68 -30.99 5.74
C PHE A 229 20.66 -29.85 5.65
N SER A 230 20.43 -29.38 4.44
CA SER A 230 19.49 -28.29 4.18
C SER A 230 18.08 -28.60 4.68
N GLU A 231 17.53 -29.74 4.25
CA GLU A 231 16.19 -30.13 4.66
C GLU A 231 16.06 -30.24 6.19
N GLU A 232 17.05 -30.86 6.83
CA GLU A 232 17.02 -31.02 8.28
C GLU A 232 16.99 -29.66 8.97
N PHE A 233 17.88 -28.78 8.56
CA PHE A 233 17.97 -27.46 9.15
C PHE A 233 16.67 -26.67 8.99
N VAL A 234 16.15 -26.57 7.77
CA VAL A 234 14.92 -25.82 7.56
C VAL A 234 13.77 -26.37 8.39
N THR A 235 13.60 -27.69 8.39
CA THR A 235 12.54 -28.31 9.16
C THR A 235 12.76 -28.17 10.66
N SER A 236 14.01 -28.11 11.10
CA SER A 236 14.30 -27.97 12.52
C SER A 236 13.83 -26.61 13.01
N LEU A 237 13.69 -25.66 12.10
CA LEU A 237 13.23 -24.33 12.47
C LEU A 237 11.69 -24.29 12.47
N GLY A 238 11.08 -25.42 12.16
CA GLY A 238 9.63 -25.49 12.13
C GLY A 238 9.08 -24.96 10.81
N ILE A 239 9.97 -24.82 9.83
CA ILE A 239 9.58 -24.33 8.51
C ILE A 239 9.55 -25.48 7.52
N GLN A 240 8.72 -25.36 6.49
CA GLN A 240 8.61 -26.39 5.47
C GLN A 240 9.67 -26.16 4.38
N TRP A 241 10.34 -27.25 3.98
CA TRP A 241 11.43 -27.21 3.01
C TRP A 241 11.09 -26.94 1.54
N ASN A 242 11.86 -26.06 0.91
CA ASN A 242 11.72 -25.74 -0.51
C ASN A 242 13.08 -26.10 -1.11
N PRO A 243 13.20 -27.32 -1.65
CA PRO A 243 14.44 -27.82 -2.26
C PRO A 243 14.97 -27.15 -3.52
N TYR A 244 14.08 -26.55 -4.31
CA TYR A 244 14.51 -25.88 -5.54
C TYR A 244 14.31 -24.38 -5.54
N THR A 245 15.42 -23.64 -5.59
CA THR A 245 15.37 -22.18 -5.61
C THR A 245 16.62 -21.61 -6.26
N THR A 246 16.59 -20.32 -6.55
CA THR A 246 17.75 -19.61 -7.11
C THR A 246 18.40 -19.03 -5.86
N GLN A 247 18.84 -17.77 -5.91
CA GLN A 247 19.43 -17.19 -4.72
C GLN A 247 18.34 -16.94 -3.68
N ILE A 248 17.15 -16.59 -4.15
CA ILE A 248 16.04 -16.33 -3.24
C ILE A 248 15.03 -17.46 -3.19
N GLU A 249 14.26 -17.48 -2.10
CA GLU A 249 13.17 -18.43 -1.99
C GLU A 249 12.23 -17.67 -2.94
N PRO A 250 11.62 -18.36 -3.93
CA PRO A 250 10.74 -17.72 -4.90
C PRO A 250 9.56 -16.83 -4.44
N HIS A 251 9.12 -17.01 -3.20
CA HIS A 251 8.03 -16.21 -2.62
C HIS A 251 6.60 -16.60 -3.04
N ASP A 252 6.42 -17.73 -3.71
CA ASP A 252 5.08 -18.12 -4.12
C ASP A 252 4.16 -18.34 -2.92
N TYR A 253 4.71 -18.91 -1.85
CA TYR A 253 3.92 -19.17 -0.65
C TYR A 253 3.48 -17.88 0.03
N ILE A 254 4.24 -16.81 -0.16
CA ILE A 254 3.86 -15.53 0.43
C ILE A 254 2.61 -15.05 -0.30
N ALA A 255 2.56 -15.24 -1.61
CA ALA A 255 1.38 -14.86 -2.38
C ALA A 255 0.20 -15.72 -1.93
N GLU A 256 0.44 -17.02 -1.74
CA GLU A 256 -0.62 -17.92 -1.31
C GLU A 256 -1.16 -17.48 0.05
N LEU A 257 -0.26 -17.10 0.94
CA LEU A 257 -0.64 -16.65 2.26
C LEU A 257 -1.42 -15.33 2.17
N PHE A 258 -0.89 -14.37 1.44
CA PHE A 258 -1.55 -13.08 1.30
C PHE A 258 -2.84 -13.13 0.51
N ASP A 259 -2.95 -14.08 -0.41
CA ASP A 259 -4.17 -14.21 -1.20
C ASP A 259 -5.34 -14.66 -0.31
N CYS A 260 -5.06 -15.49 0.68
CA CYS A 260 -6.15 -15.94 1.54
C CYS A 260 -6.53 -14.85 2.54
N VAL A 261 -5.54 -14.07 3.01
CA VAL A 261 -5.85 -13.00 3.94
C VAL A 261 -6.73 -11.97 3.22
N ALA A 262 -6.41 -11.72 1.96
CA ALA A 262 -7.16 -10.76 1.15
C ALA A 262 -8.59 -11.25 0.94
N ARG A 263 -8.77 -12.56 0.75
CA ARG A 263 -10.11 -13.10 0.55
C ARG A 263 -10.92 -12.92 1.82
N PHE A 264 -10.26 -13.13 2.96
CA PHE A 264 -10.90 -12.98 4.25
C PHE A 264 -11.28 -11.51 4.43
N ASN A 265 -10.33 -10.61 4.17
CA ASN A 265 -10.57 -9.18 4.29
C ASN A 265 -11.73 -8.73 3.40
N THR A 266 -11.84 -9.37 2.24
CA THR A 266 -12.90 -9.02 1.30
C THR A 266 -14.27 -9.40 1.90
N ILE A 267 -14.32 -10.55 2.54
CA ILE A 267 -15.54 -11.03 3.18
C ILE A 267 -15.93 -10.03 4.27
N LEU A 268 -14.91 -9.51 4.96
CA LEU A 268 -15.12 -8.56 6.05
C LEU A 268 -15.58 -7.20 5.54
N ILE A 269 -15.08 -6.79 4.37
CA ILE A 269 -15.49 -5.52 3.78
C ILE A 269 -16.98 -5.65 3.50
N ASP A 270 -17.36 -6.78 2.91
CA ASP A 270 -18.74 -7.09 2.57
C ASP A 270 -19.61 -6.98 3.84
N PHE A 271 -19.09 -7.51 4.94
CA PHE A 271 -19.79 -7.48 6.22
C PHE A 271 -19.89 -6.05 6.76
N ASP A 272 -18.76 -5.34 6.81
CA ASP A 272 -18.75 -3.97 7.30
C ASP A 272 -19.78 -3.14 6.54
N ARG A 273 -19.83 -3.31 5.22
CA ARG A 273 -20.76 -2.56 4.39
C ARG A 273 -22.21 -2.93 4.65
N ASP A 274 -22.50 -4.22 4.77
CA ASP A 274 -23.88 -4.64 5.02
C ASP A 274 -24.40 -4.10 6.35
N VAL A 275 -23.60 -4.20 7.41
CA VAL A 275 -24.01 -3.72 8.72
C VAL A 275 -24.15 -2.20 8.72
N TRP A 276 -23.27 -1.52 8.00
CA TRP A 276 -23.31 -0.07 7.88
C TRP A 276 -24.69 0.27 7.32
N GLY A 277 -25.14 -0.53 6.36
CA GLY A 277 -26.44 -0.33 5.74
C GLY A 277 -27.61 -0.71 6.63
N TYR A 278 -27.45 -1.79 7.40
CA TYR A 278 -28.53 -2.20 8.30
C TYR A 278 -28.71 -1.12 9.35
N ILE A 279 -27.60 -0.47 9.73
CA ILE A 279 -27.64 0.61 10.70
C ILE A 279 -28.30 1.82 10.06
N ALA A 280 -28.00 2.04 8.78
CA ALA A 280 -28.60 3.14 8.04
C ALA A 280 -30.11 2.97 7.95
N LEU A 281 -30.55 1.72 7.82
CA LEU A 281 -31.98 1.40 7.72
C LEU A 281 -32.63 1.38 9.10
N ASN A 282 -31.81 1.50 10.15
CA ASN A 282 -32.28 1.51 11.52
C ASN A 282 -32.76 0.12 11.99
N HIS A 283 -32.16 -0.92 11.44
CA HIS A 283 -32.48 -2.30 11.82
C HIS A 283 -31.67 -2.60 13.09
N PHE A 284 -30.63 -1.78 13.31
CA PHE A 284 -29.77 -1.89 14.48
C PHE A 284 -29.56 -0.48 15.02
N LYS A 285 -29.58 -0.33 16.34
CA LYS A 285 -29.29 0.96 16.96
C LYS A 285 -27.87 0.79 17.47
N GLN A 286 -27.21 1.90 17.81
CA GLN A 286 -25.83 1.82 18.27
C GLN A 286 -25.63 2.25 19.72
N LYS A 287 -24.92 1.42 20.48
CA LYS A 287 -24.64 1.75 21.86
C LYS A 287 -23.59 2.86 21.88
N THR A 288 -23.81 3.88 22.70
CA THR A 288 -22.84 4.95 22.78
C THR A 288 -22.71 5.41 24.23
N ILE A 289 -21.57 6.01 24.56
CA ILE A 289 -21.32 6.46 25.92
C ILE A 289 -21.39 7.98 26.05
N ALA A 290 -21.84 8.42 27.22
CA ALA A 290 -21.96 9.84 27.51
C ALA A 290 -20.59 10.48 27.34
N GLY A 291 -20.57 11.66 26.72
CA GLY A 291 -19.30 12.33 26.51
C GLY A 291 -18.86 12.19 25.07
N GLU A 292 -19.11 11.03 24.47
CA GLU A 292 -18.75 10.82 23.08
C GLU A 292 -19.49 11.82 22.21
N ILE A 293 -18.84 12.21 21.12
CA ILE A 293 -19.40 13.17 20.18
C ILE A 293 -19.61 12.45 18.85
N GLY A 294 -20.83 12.51 18.33
CA GLY A 294 -21.12 11.88 17.05
C GLY A 294 -20.69 12.81 15.93
N SER A 295 -21.19 14.04 15.99
CA SER A 295 -20.90 15.06 15.00
C SER A 295 -20.51 16.36 15.68
N SER A 296 -19.59 17.11 15.08
CA SER A 296 -19.16 18.37 15.66
C SER A 296 -20.22 19.45 15.44
N THR A 297 -21.07 19.24 14.45
CA THR A 297 -22.12 20.22 14.11
C THR A 297 -23.56 19.73 14.30
N MET A 298 -23.78 18.44 14.12
CA MET A 298 -25.12 17.84 14.28
C MET A 298 -25.11 17.04 15.58
N PRO A 299 -25.55 17.66 16.69
CA PRO A 299 -25.58 17.00 17.99
C PRO A 299 -26.34 15.68 18.16
N HIS A 300 -27.24 15.37 17.22
CA HIS A 300 -28.04 14.15 17.31
C HIS A 300 -27.35 12.90 16.74
N LYS A 301 -26.28 13.10 15.96
CA LYS A 301 -25.59 11.98 15.33
C LYS A 301 -24.94 10.90 16.21
N VAL A 302 -25.13 9.66 15.77
CA VAL A 302 -24.52 8.48 16.39
C VAL A 302 -24.13 7.70 15.13
N ASN A 303 -22.83 7.62 14.85
CA ASN A 303 -22.35 6.97 13.64
C ASN A 303 -21.57 5.66 13.84
N PRO A 304 -21.62 4.76 12.84
CA PRO A 304 -20.91 3.47 12.88
C PRO A 304 -19.45 3.65 12.46
N ILE A 305 -18.75 4.56 13.12
CA ILE A 305 -17.36 4.85 12.79
C ILE A 305 -16.40 3.66 12.87
N ASP A 306 -16.72 2.69 13.71
CA ASP A 306 -15.86 1.52 13.85
C ASP A 306 -15.88 0.67 12.58
N PHE A 307 -17.07 0.44 12.04
CA PHE A 307 -17.19 -0.35 10.81
C PHE A 307 -16.57 0.40 9.63
N GLU A 308 -16.73 1.72 9.62
CA GLU A 308 -16.18 2.53 8.54
C GLU A 308 -14.66 2.51 8.59
N ASN A 309 -14.10 2.61 9.80
CA ASN A 309 -12.65 2.58 9.96
C ASN A 309 -12.14 1.24 9.46
N SER A 310 -12.83 0.17 9.84
CA SER A 310 -12.44 -1.16 9.43
C SER A 310 -12.45 -1.29 7.91
N GLU A 311 -13.56 -0.86 7.30
CA GLU A 311 -13.72 -0.95 5.86
C GLU A 311 -12.59 -0.25 5.10
N GLY A 312 -12.26 0.97 5.53
CA GLY A 312 -11.20 1.71 4.87
C GLY A 312 -9.86 1.03 4.99
N ASN A 313 -9.56 0.53 6.18
CA ASN A 313 -8.29 -0.14 6.41
C ASN A 313 -8.18 -1.48 5.68
N LEU A 314 -9.30 -2.13 5.44
CA LEU A 314 -9.28 -3.41 4.73
C LEU A 314 -8.89 -3.17 3.27
N GLY A 315 -9.36 -2.05 2.71
CA GLY A 315 -9.04 -1.73 1.33
C GLY A 315 -7.54 -1.50 1.20
N LEU A 316 -6.99 -0.77 2.17
CA LEU A 316 -5.56 -0.48 2.21
C LEU A 316 -4.77 -1.78 2.34
N SER A 317 -5.21 -2.63 3.26
CA SER A 317 -4.54 -3.92 3.49
C SER A 317 -4.42 -4.72 2.19
N ASN A 318 -5.57 -4.93 1.54
CA ASN A 318 -5.59 -5.68 0.30
C ASN A 318 -4.73 -5.08 -0.81
N ALA A 319 -4.67 -3.75 -0.87
CA ALA A 319 -3.87 -3.09 -1.89
C ALA A 319 -2.38 -3.42 -1.68
N VAL A 320 -1.93 -3.41 -0.43
CA VAL A 320 -0.54 -3.72 -0.12
C VAL A 320 -0.28 -5.23 -0.26
N LEU A 321 -1.19 -6.02 0.28
CA LEU A 321 -1.09 -7.48 0.22
C LEU A 321 -1.01 -7.95 -1.23
N GLN A 322 -1.89 -7.41 -2.07
CA GLN A 322 -1.96 -7.79 -3.48
C GLN A 322 -0.71 -7.37 -4.24
N HIS A 323 -0.16 -6.21 -3.93
CA HIS A 323 1.05 -5.77 -4.60
C HIS A 323 2.18 -6.74 -4.27
N LEU A 324 2.33 -7.06 -2.99
CA LEU A 324 3.38 -7.99 -2.60
C LEU A 324 3.16 -9.37 -3.21
N ALA A 325 1.92 -9.83 -3.20
CA ALA A 325 1.62 -11.15 -3.74
C ALA A 325 1.95 -11.29 -5.23
N SER A 326 1.68 -10.25 -6.01
CA SER A 326 1.94 -10.31 -7.44
C SER A 326 3.33 -9.86 -7.89
N LYS A 327 3.99 -9.03 -7.10
CA LYS A 327 5.30 -8.52 -7.49
C LYS A 327 6.48 -9.35 -6.99
N LEU A 328 6.38 -9.86 -5.76
CA LEU A 328 7.46 -10.65 -5.17
C LEU A 328 7.96 -11.86 -5.95
N PRO A 329 7.05 -12.72 -6.46
CA PRO A 329 7.49 -13.91 -7.20
C PRO A 329 8.21 -13.71 -8.54
N VAL A 330 8.38 -12.45 -8.97
CA VAL A 330 9.09 -12.16 -10.21
C VAL A 330 10.41 -11.48 -9.85
N SER A 331 11.52 -12.15 -10.14
CA SER A 331 12.86 -11.64 -9.82
C SER A 331 13.79 -11.99 -10.99
N ARG A 332 14.45 -10.98 -11.54
CA ARG A 332 15.32 -11.18 -12.70
C ARG A 332 16.44 -12.22 -12.54
N TRP A 333 16.43 -13.18 -13.46
CA TRP A 333 17.39 -14.27 -13.49
C TRP A 333 17.53 -14.94 -12.11
N GLN A 334 18.75 -15.04 -11.58
CA GLN A 334 18.91 -15.68 -10.28
C GLN A 334 18.49 -14.83 -9.10
N ARG A 335 17.93 -13.66 -9.43
CA ARG A 335 17.36 -12.66 -8.52
C ARG A 335 17.87 -11.23 -8.68
N ASP A 336 16.94 -10.30 -8.50
CA ASP A 336 17.28 -8.88 -8.52
C ASP A 336 16.90 -8.51 -7.09
N LEU A 337 17.48 -7.44 -6.56
CA LEU A 337 17.24 -7.07 -5.17
C LEU A 337 15.98 -6.27 -4.84
N THR A 338 15.11 -6.05 -5.82
CA THR A 338 13.91 -5.27 -5.56
C THR A 338 12.99 -5.88 -4.50
N ASP A 339 13.10 -7.19 -4.27
CA ASP A 339 12.25 -7.82 -3.27
C ASP A 339 12.67 -7.54 -1.83
N SER A 340 13.95 -7.21 -1.64
CA SER A 340 14.44 -6.95 -0.30
C SER A 340 13.69 -5.79 0.38
N THR A 341 13.70 -4.62 -0.24
CA THR A 341 13.01 -3.47 0.37
C THR A 341 11.51 -3.74 0.48
N VAL A 342 10.95 -4.43 -0.51
CA VAL A 342 9.53 -4.74 -0.50
C VAL A 342 9.18 -5.68 0.67
N LEU A 343 10.05 -6.65 0.94
CA LEU A 343 9.80 -7.58 2.03
C LEU A 343 9.86 -6.94 3.40
N ARG A 344 10.31 -5.69 3.46
CA ARG A 344 10.37 -5.00 4.74
C ARG A 344 8.96 -4.47 5.03
N ASN A 345 8.04 -4.74 4.11
CA ASN A 345 6.67 -4.28 4.23
C ASN A 345 5.66 -5.42 4.48
N LEU A 346 6.16 -6.61 4.80
CA LEU A 346 5.26 -7.73 5.06
C LEU A 346 4.26 -7.38 6.16
N GLY A 347 4.73 -6.64 7.16
CA GLY A 347 3.87 -6.27 8.28
C GLY A 347 2.88 -5.14 8.03
N VAL A 348 3.14 -4.34 7.01
CA VAL A 348 2.26 -3.21 6.67
C VAL A 348 0.88 -3.69 6.23
N GLY A 349 0.84 -4.61 5.28
CA GLY A 349 -0.44 -5.12 4.82
C GLY A 349 -1.16 -5.82 5.97
N ILE A 350 -0.40 -6.55 6.77
CA ILE A 350 -0.95 -7.25 7.92
C ILE A 350 -1.44 -6.25 8.96
N GLY A 351 -0.69 -5.18 9.15
CA GLY A 351 -1.06 -4.16 10.12
C GLY A 351 -2.41 -3.52 9.81
N TYR A 352 -2.63 -3.12 8.56
CA TYR A 352 -3.90 -2.51 8.18
C TYR A 352 -5.04 -3.46 8.51
N ALA A 353 -4.82 -4.74 8.25
CA ALA A 353 -5.83 -5.76 8.53
C ALA A 353 -6.13 -5.88 10.02
N LEU A 354 -5.08 -5.89 10.85
CA LEU A 354 -5.27 -6.02 12.29
C LEU A 354 -6.09 -4.86 12.83
N ILE A 355 -5.78 -3.67 12.35
CA ILE A 355 -6.50 -2.48 12.76
C ILE A 355 -7.98 -2.65 12.43
N ALA A 356 -8.25 -3.13 11.24
CA ALA A 356 -9.61 -3.37 10.78
C ALA A 356 -10.34 -4.44 11.60
N TYR A 357 -9.65 -5.51 11.97
CA TYR A 357 -10.28 -6.57 12.74
C TYR A 357 -10.74 -6.06 14.09
N GLN A 358 -9.90 -5.26 14.73
CA GLN A 358 -10.23 -4.70 16.03
C GLN A 358 -11.37 -3.69 15.94
N SER A 359 -11.37 -2.87 14.89
CA SER A 359 -12.45 -1.91 14.69
C SER A 359 -13.78 -2.61 14.51
N THR A 360 -13.80 -3.68 13.72
CA THR A 360 -15.04 -4.42 13.49
C THR A 360 -15.56 -5.04 14.79
N LEU A 361 -14.66 -5.63 15.57
CA LEU A 361 -15.04 -6.24 16.84
C LEU A 361 -15.62 -5.17 17.76
N LYS A 362 -15.05 -3.96 17.71
CA LYS A 362 -15.54 -2.87 18.53
C LYS A 362 -16.95 -2.49 18.05
N GLY A 363 -17.11 -2.39 16.73
CA GLY A 363 -18.41 -2.03 16.18
C GLY A 363 -19.46 -3.06 16.55
N VAL A 364 -19.10 -4.33 16.45
CA VAL A 364 -20.02 -5.42 16.78
C VAL A 364 -20.50 -5.33 18.24
N SER A 365 -19.59 -4.99 19.13
CA SER A 365 -19.92 -4.88 20.56
C SER A 365 -20.98 -3.82 20.83
N LYS A 366 -21.14 -2.87 19.91
CA LYS A 366 -22.09 -1.78 20.09
C LYS A 366 -23.44 -1.97 19.38
N LEU A 367 -23.62 -3.10 18.72
CA LEU A 367 -24.88 -3.35 18.01
C LEU A 367 -26.03 -3.69 18.95
N GLU A 368 -27.21 -3.17 18.62
CA GLU A 368 -28.42 -3.42 19.39
C GLU A 368 -29.52 -3.59 18.35
N VAL A 369 -29.91 -4.83 18.10
CA VAL A 369 -30.95 -5.11 17.11
C VAL A 369 -32.23 -4.34 17.45
N ASN A 370 -32.89 -3.83 16.41
CA ASN A 370 -34.12 -3.06 16.57
C ASN A 370 -35.29 -3.90 16.04
N ARG A 371 -35.75 -4.84 16.85
CA ARG A 371 -36.86 -5.71 16.46
C ARG A 371 -38.10 -4.95 16.02
N ASP A 372 -38.44 -3.88 16.74
CA ASP A 372 -39.62 -3.09 16.39
C ASP A 372 -39.59 -2.60 14.95
N HIS A 373 -38.47 -2.01 14.54
CA HIS A 373 -38.36 -1.51 13.18
C HIS A 373 -38.39 -2.62 12.12
N LEU A 374 -37.66 -3.69 12.39
CA LEU A 374 -37.61 -4.82 11.45
C LEU A 374 -39.01 -5.39 11.21
N LEU A 375 -39.77 -5.58 12.28
CA LEU A 375 -41.12 -6.12 12.16
C LEU A 375 -42.09 -5.12 11.52
N ASP A 376 -41.96 -3.85 11.88
CA ASP A 376 -42.84 -2.84 11.31
C ASP A 376 -42.63 -2.73 9.81
N GLU A 377 -41.38 -2.83 9.36
CA GLU A 377 -41.08 -2.73 7.93
C GLU A 377 -41.69 -3.92 7.21
N LEU A 378 -41.55 -5.10 7.79
CA LEU A 378 -42.08 -6.32 7.19
C LEU A 378 -43.59 -6.25 7.03
N ASP A 379 -44.25 -5.63 8.00
CA ASP A 379 -45.70 -5.52 7.98
C ASP A 379 -46.22 -4.54 6.93
N HIS A 380 -45.31 -3.84 6.26
CA HIS A 380 -45.68 -2.89 5.22
C HIS A 380 -45.23 -3.41 3.85
N ASN A 381 -44.79 -4.66 3.82
CA ASN A 381 -44.32 -5.26 2.58
C ASN A 381 -44.94 -6.63 2.33
N TRP A 382 -46.28 -6.68 2.34
CA TRP A 382 -46.97 -7.94 2.11
C TRP A 382 -46.85 -8.46 0.69
N GLU A 383 -46.33 -7.64 -0.22
CA GLU A 383 -46.17 -8.06 -1.59
C GLU A 383 -45.16 -9.20 -1.71
N VAL A 384 -44.31 -9.37 -0.70
CA VAL A 384 -43.33 -10.45 -0.75
C VAL A 384 -44.00 -11.82 -0.67
N LEU A 385 -45.29 -11.86 -0.36
CA LEU A 385 -45.99 -13.15 -0.29
C LEU A 385 -46.46 -13.61 -1.67
N ALA A 386 -46.18 -12.81 -2.70
CA ALA A 386 -46.57 -13.18 -4.05
C ALA A 386 -45.83 -14.45 -4.49
N GLU A 387 -44.57 -14.57 -4.09
CA GLU A 387 -43.78 -15.73 -4.44
C GLU A 387 -44.35 -17.04 -3.91
N PRO A 388 -44.59 -17.14 -2.60
CA PRO A 388 -45.16 -18.38 -2.05
C PRO A 388 -46.52 -18.73 -2.63
N ILE A 389 -47.34 -17.70 -2.86
CA ILE A 389 -48.67 -17.90 -3.42
C ILE A 389 -48.57 -18.51 -4.82
N GLN A 390 -47.76 -17.89 -5.69
CA GLN A 390 -47.61 -18.39 -7.05
C GLN A 390 -46.99 -19.79 -7.07
N THR A 391 -46.09 -20.04 -6.12
CA THR A 391 -45.44 -21.34 -6.02
C THR A 391 -46.46 -22.42 -5.66
N VAL A 392 -47.35 -22.12 -4.71
CA VAL A 392 -48.38 -23.06 -4.30
C VAL A 392 -49.32 -23.30 -5.48
N MET A 393 -49.63 -22.24 -6.21
CA MET A 393 -50.50 -22.33 -7.38
C MET A 393 -49.85 -23.24 -8.43
N ARG A 394 -48.52 -23.14 -8.56
CA ARG A 394 -47.79 -23.98 -9.52
C ARG A 394 -48.00 -25.45 -9.14
N ARG A 395 -47.83 -25.76 -7.86
CA ARG A 395 -47.98 -27.13 -7.38
C ARG A 395 -49.34 -27.73 -7.72
N TYR A 396 -50.40 -26.96 -7.51
CA TYR A 396 -51.75 -27.46 -7.76
C TYR A 396 -52.33 -27.23 -9.15
N GLY A 397 -51.43 -27.07 -10.12
CA GLY A 397 -51.84 -26.89 -11.51
C GLY A 397 -52.66 -25.67 -11.92
N ILE A 398 -52.63 -24.60 -11.15
CA ILE A 398 -53.37 -23.41 -11.54
C ILE A 398 -52.58 -22.74 -12.67
N GLU A 399 -53.28 -22.28 -13.69
CA GLU A 399 -52.64 -21.66 -14.85
C GLU A 399 -52.00 -20.29 -14.61
N LYS A 400 -50.94 -20.01 -15.38
CA LYS A 400 -50.21 -18.75 -15.30
C LYS A 400 -50.08 -18.22 -13.88
N PRO A 401 -49.63 -19.06 -12.94
CA PRO A 401 -49.47 -18.63 -11.55
C PRO A 401 -48.56 -17.42 -11.35
N TYR A 402 -47.31 -17.52 -11.80
CA TYR A 402 -46.39 -16.40 -11.64
C TYR A 402 -46.92 -15.15 -12.31
N GLU A 403 -47.41 -15.30 -13.53
CA GLU A 403 -47.93 -14.17 -14.29
C GLU A 403 -49.09 -13.46 -13.61
N LYS A 404 -49.97 -14.23 -12.96
CA LYS A 404 -51.12 -13.66 -12.27
C LYS A 404 -50.69 -12.79 -11.09
N LEU A 405 -49.72 -13.26 -10.32
CA LEU A 405 -49.24 -12.51 -9.17
C LEU A 405 -48.47 -11.26 -9.61
N LYS A 406 -47.83 -11.33 -10.76
CA LYS A 406 -47.08 -10.19 -11.26
C LYS A 406 -48.03 -9.05 -11.59
N GLU A 407 -49.13 -9.38 -12.27
CA GLU A 407 -50.13 -8.38 -12.63
C GLU A 407 -50.73 -7.78 -11.37
N LEU A 408 -50.83 -8.60 -10.32
CA LEU A 408 -51.39 -8.17 -9.05
C LEU A 408 -50.46 -7.31 -8.18
N THR A 409 -49.16 -7.55 -8.24
CA THR A 409 -48.21 -6.84 -7.38
C THR A 409 -47.10 -5.98 -7.99
N ARG A 410 -46.64 -6.29 -9.19
CA ARG A 410 -45.55 -5.50 -9.76
C ARG A 410 -45.94 -4.05 -9.99
N GLY A 411 -45.29 -3.15 -9.27
CA GLY A 411 -45.59 -1.73 -9.41
C GLY A 411 -46.84 -1.33 -8.67
N LYS A 412 -47.43 -2.26 -7.94
CA LYS A 412 -48.64 -2.00 -7.18
C LYS A 412 -48.46 -2.23 -5.69
N ARG A 413 -49.18 -1.47 -4.87
CA ARG A 413 -49.10 -1.61 -3.43
C ARG A 413 -50.26 -2.52 -3.01
N VAL A 414 -49.94 -3.59 -2.29
CA VAL A 414 -50.95 -4.53 -1.84
C VAL A 414 -50.76 -4.85 -0.37
N ASP A 415 -51.79 -4.61 0.43
CA ASP A 415 -51.72 -4.88 1.87
C ASP A 415 -52.21 -6.28 2.21
N ALA A 416 -52.16 -6.63 3.49
CA ALA A 416 -52.59 -7.94 3.97
C ALA A 416 -53.98 -8.31 3.47
N GLU A 417 -54.89 -7.34 3.48
CA GLU A 417 -56.26 -7.55 3.03
C GLU A 417 -56.33 -7.90 1.55
N GLY A 418 -55.65 -7.11 0.72
CA GLY A 418 -55.65 -7.35 -0.71
C GLY A 418 -55.06 -8.70 -1.06
N MET A 419 -54.00 -9.10 -0.35
CA MET A 419 -53.38 -10.40 -0.60
C MET A 419 -54.33 -11.51 -0.17
N LYS A 420 -55.04 -11.28 0.93
CA LYS A 420 -55.99 -12.26 1.44
C LYS A 420 -57.14 -12.47 0.47
N GLN A 421 -57.67 -11.37 -0.07
CA GLN A 421 -58.77 -11.45 -1.01
C GLN A 421 -58.37 -12.28 -2.22
N PHE A 422 -57.15 -12.04 -2.70
CA PHE A 422 -56.64 -12.77 -3.87
C PHE A 422 -56.61 -14.28 -3.60
N ILE A 423 -56.09 -14.66 -2.44
CA ILE A 423 -56.00 -16.07 -2.08
C ILE A 423 -57.37 -16.74 -2.04
N ASP A 424 -58.36 -16.01 -1.52
CA ASP A 424 -59.73 -16.53 -1.42
C ASP A 424 -60.32 -16.90 -2.78
N GLY A 425 -59.95 -16.15 -3.82
CA GLY A 425 -60.47 -16.43 -5.14
C GLY A 425 -59.77 -17.58 -5.84
N LEU A 426 -58.73 -18.12 -5.21
CA LEU A 426 -57.97 -19.22 -5.79
C LEU A 426 -58.64 -20.57 -5.66
N ALA A 427 -58.55 -21.39 -6.71
CA ALA A 427 -59.14 -22.71 -6.72
C ALA A 427 -58.18 -23.72 -6.09
N LEU A 428 -58.01 -23.61 -4.79
CA LEU A 428 -57.13 -24.50 -4.05
C LEU A 428 -57.89 -25.19 -2.93
N PRO A 429 -57.38 -26.32 -2.43
CA PRO A 429 -58.07 -27.00 -1.34
C PRO A 429 -58.02 -26.13 -0.09
N GLU A 430 -59.15 -26.06 0.61
CA GLU A 430 -59.28 -25.26 1.82
C GLU A 430 -58.04 -25.23 2.71
N GLU A 431 -57.46 -26.41 2.97
CA GLU A 431 -56.28 -26.51 3.82
C GLU A 431 -55.14 -25.63 3.31
N GLU A 432 -54.90 -25.65 2.00
CA GLU A 432 -53.82 -24.86 1.42
C GLU A 432 -54.14 -23.36 1.43
N LYS A 433 -55.41 -23.03 1.26
CA LYS A 433 -55.82 -21.63 1.26
C LYS A 433 -55.61 -21.07 2.66
N ALA A 434 -55.97 -21.86 3.66
CA ALA A 434 -55.82 -21.45 5.05
C ALA A 434 -54.36 -21.23 5.39
N ARG A 435 -53.50 -22.14 4.93
CA ARG A 435 -52.07 -22.03 5.20
C ARG A 435 -51.52 -20.73 4.60
N LEU A 436 -51.93 -20.40 3.38
CA LEU A 436 -51.47 -19.18 2.73
C LEU A 436 -52.01 -17.95 3.46
N LYS A 437 -53.25 -18.03 3.90
CA LYS A 437 -53.88 -16.91 4.61
C LYS A 437 -53.31 -16.77 6.01
N ALA A 438 -52.59 -17.80 6.46
CA ALA A 438 -51.98 -17.79 7.78
C ALA A 438 -50.56 -17.23 7.78
N MET A 439 -49.93 -17.12 6.60
CA MET A 439 -48.58 -16.59 6.59
C MET A 439 -48.51 -15.08 6.49
N THR A 440 -47.40 -14.53 6.96
CA THR A 440 -47.17 -13.09 6.95
C THR A 440 -45.73 -12.86 6.55
N PRO A 441 -45.37 -11.61 6.19
CA PRO A 441 -43.99 -11.35 5.80
C PRO A 441 -43.04 -11.81 6.91
N ALA A 442 -43.40 -11.52 8.15
CA ALA A 442 -42.59 -11.88 9.31
C ALA A 442 -42.38 -13.38 9.53
N ASN A 443 -43.36 -14.21 9.16
CA ASN A 443 -43.19 -15.64 9.35
C ASN A 443 -42.83 -16.39 8.06
N TYR A 444 -42.72 -15.65 6.97
CA TYR A 444 -42.34 -16.25 5.68
C TYR A 444 -40.81 -16.22 5.62
N ILE A 445 -40.18 -16.93 6.54
CA ILE A 445 -38.73 -16.96 6.62
C ILE A 445 -38.08 -18.29 6.26
N GLY A 446 -38.88 -19.21 5.72
CA GLY A 446 -38.35 -20.50 5.33
C GLY A 446 -37.63 -21.28 6.42
N ARG A 447 -36.47 -21.81 6.07
CA ARG A 447 -35.65 -22.62 6.98
C ARG A 447 -34.59 -21.80 7.74
N ALA A 448 -34.71 -20.48 7.66
CA ALA A 448 -33.75 -19.57 8.31
C ALA A 448 -33.26 -19.93 9.71
N ILE A 449 -34.20 -20.14 10.64
CA ILE A 449 -33.84 -20.45 12.01
C ILE A 449 -33.11 -21.78 12.16
N THR A 450 -33.59 -22.82 11.48
CA THR A 450 -32.94 -24.12 11.54
C THR A 450 -31.55 -24.06 10.90
N MET A 451 -31.40 -23.24 9.87
CA MET A 451 -30.10 -23.09 9.22
C MET A 451 -29.11 -22.58 10.26
N VAL A 452 -29.54 -21.60 11.04
CA VAL A 452 -28.68 -21.04 12.08
C VAL A 452 -28.33 -22.11 13.12
N ASP A 453 -29.36 -22.83 13.59
CA ASP A 453 -29.15 -23.87 14.59
C ASP A 453 -28.23 -24.99 14.12
N GLU A 454 -28.18 -25.24 12.81
CA GLU A 454 -27.36 -26.31 12.27
C GLU A 454 -25.94 -25.88 11.89
N LEU A 455 -25.65 -24.57 11.96
CA LEU A 455 -24.32 -24.09 11.62
C LEU A 455 -23.22 -24.86 12.35
N LYS A 456 -23.42 -25.08 13.65
CA LYS A 456 -22.44 -25.79 14.47
C LYS A 456 -22.07 -27.17 13.91
N HIS A 457 -22.92 -27.73 13.07
CA HIS A 457 -22.66 -29.04 12.49
C HIS A 457 -21.73 -29.00 11.28
N HIS A 458 -21.39 -27.80 10.83
CA HIS A 458 -20.50 -27.64 9.69
C HIS A 458 -19.12 -27.22 10.16
N HIS A 459 -18.09 -27.60 9.41
CA HIS A 459 -16.73 -27.22 9.77
C HIS A 459 -16.40 -27.78 11.15
N MET B 1 6.99 -3.31 22.83
CA MET B 1 8.13 -2.40 22.51
C MET B 1 7.63 -1.01 22.19
N GLU B 2 8.43 -0.01 22.56
CA GLU B 2 8.09 1.38 22.29
C GLU B 2 8.49 1.66 20.85
N LEU B 3 7.82 2.62 20.22
CA LEU B 3 8.12 2.96 18.84
C LEU B 3 9.45 3.68 18.67
N SER B 4 10.25 3.20 17.73
CA SER B 4 11.55 3.78 17.41
C SER B 4 11.76 3.42 15.95
N SER B 5 12.77 3.98 15.30
CA SER B 5 13.02 3.67 13.91
C SER B 5 13.33 2.18 13.74
N LEU B 6 13.89 1.57 14.79
CA LEU B 6 14.22 0.16 14.76
C LEU B 6 13.00 -0.74 14.93
N THR B 7 12.03 -0.29 15.72
CA THR B 7 10.83 -1.09 15.96
C THR B 7 9.63 -0.77 15.09
N ALA B 8 9.72 0.30 14.31
CA ALA B 8 8.62 0.70 13.44
C ALA B 8 8.23 -0.42 12.49
N VAL B 9 6.93 -0.68 12.38
CA VAL B 9 6.43 -1.74 11.51
C VAL B 9 6.70 -1.39 10.05
N SER B 10 6.42 -0.15 9.67
CA SER B 10 6.64 0.30 8.30
C SER B 10 8.03 0.90 8.12
N PRO B 11 8.71 0.52 7.01
CA PRO B 11 10.05 1.03 6.73
C PRO B 11 10.09 2.52 6.37
N VAL B 12 8.90 3.10 6.15
CA VAL B 12 8.82 4.52 5.85
C VAL B 12 9.23 5.32 7.09
N ASP B 13 8.87 4.80 8.26
CA ASP B 13 9.25 5.44 9.52
C ASP B 13 10.37 4.63 10.18
N GLY B 14 10.63 3.46 9.61
CA GLY B 14 11.68 2.60 10.15
C GLY B 14 13.03 2.77 9.49
N ARG B 15 13.47 1.78 8.73
CA ARG B 15 14.77 1.81 8.06
C ARG B 15 15.07 3.07 7.23
N TYR B 16 14.05 3.62 6.57
CA TYR B 16 14.25 4.81 5.74
C TYR B 16 13.64 6.07 6.37
N GLY B 17 13.32 5.99 7.66
CA GLY B 17 12.72 7.13 8.34
C GLY B 17 13.47 8.44 8.13
N ASP B 18 14.79 8.38 8.11
CA ASP B 18 15.60 9.58 7.92
C ASP B 18 15.54 10.14 6.50
N LYS B 19 15.01 9.34 5.58
CA LYS B 19 14.90 9.75 4.19
C LYS B 19 13.62 10.56 3.92
N VAL B 20 12.69 10.56 4.87
CA VAL B 20 11.42 11.26 4.69
C VAL B 20 11.03 12.13 5.87
N SER B 21 12.03 12.57 6.64
CA SER B 21 11.75 13.38 7.82
C SER B 21 10.83 14.57 7.57
N ALA B 22 10.94 15.19 6.40
CA ALA B 22 10.09 16.33 6.09
C ALA B 22 8.60 15.98 6.09
N LEU B 23 8.26 14.73 5.80
CA LEU B 23 6.85 14.35 5.79
C LEU B 23 6.24 14.22 7.18
N ARG B 24 7.09 14.09 8.20
CA ARG B 24 6.61 13.95 9.57
C ARG B 24 5.92 15.22 10.08
N GLY B 25 6.24 16.36 9.47
CA GLY B 25 5.62 17.60 9.88
C GLY B 25 4.42 17.91 9.01
N ILE B 26 4.08 17.00 8.11
CA ILE B 26 2.96 17.23 7.19
C ILE B 26 1.83 16.20 7.21
N PHE B 27 2.15 14.94 6.95
CA PHE B 27 1.13 13.90 6.87
C PHE B 27 0.83 13.08 8.13
N SER B 28 1.62 13.28 9.17
CA SER B 28 1.43 12.56 10.43
C SER B 28 0.18 13.06 11.16
N GLU B 29 -0.17 12.44 12.27
CA GLU B 29 -1.34 12.89 13.02
C GLU B 29 -1.01 14.28 13.56
N TYR B 30 0.27 14.51 13.88
CA TYR B 30 0.70 15.81 14.36
C TYR B 30 0.47 16.84 13.26
N GLY B 31 0.87 16.50 12.04
CA GLY B 31 0.71 17.41 10.91
C GLY B 31 -0.74 17.75 10.62
N LEU B 32 -1.59 16.72 10.67
CA LEU B 32 -3.02 16.88 10.42
C LEU B 32 -3.61 17.81 11.48
N LEU B 33 -3.26 17.58 12.74
CA LEU B 33 -3.76 18.42 13.82
C LEU B 33 -3.24 19.86 13.70
N LYS B 34 -2.00 20.00 13.26
CA LYS B 34 -1.41 21.33 13.11
C LYS B 34 -2.19 22.15 12.09
N PHE B 35 -2.44 21.54 10.93
CA PHE B 35 -3.19 22.21 9.87
C PHE B 35 -4.64 22.49 10.25
N ARG B 36 -5.25 21.58 11.02
CA ARG B 36 -6.64 21.78 11.47
C ARG B 36 -6.69 23.01 12.36
N VAL B 37 -5.70 23.14 13.24
CA VAL B 37 -5.64 24.29 14.13
C VAL B 37 -5.50 25.56 13.30
N GLN B 38 -4.67 25.51 12.25
CA GLN B 38 -4.49 26.66 11.38
C GLN B 38 -5.82 27.08 10.75
N VAL B 39 -6.53 26.12 10.18
CA VAL B 39 -7.82 26.42 9.54
C VAL B 39 -8.85 26.99 10.51
N GLU B 40 -8.98 26.37 11.67
CA GLU B 40 -9.94 26.82 12.69
C GLU B 40 -9.65 28.28 13.08
N VAL B 41 -8.38 28.57 13.37
CA VAL B 41 -7.99 29.91 13.75
C VAL B 41 -8.26 30.92 12.65
N ARG B 42 -7.91 30.58 11.41
CA ARG B 42 -8.14 31.49 10.30
C ARG B 42 -9.62 31.79 10.11
N TRP B 43 -10.46 30.79 10.36
CA TRP B 43 -11.90 30.93 10.24
C TRP B 43 -12.42 31.92 11.29
N LEU B 44 -11.93 31.79 12.52
CA LEU B 44 -12.36 32.68 13.59
C LEU B 44 -11.93 34.12 13.29
N GLN B 45 -10.75 34.27 12.71
CA GLN B 45 -10.24 35.60 12.39
C GLN B 45 -11.04 36.24 11.26
N LYS B 46 -11.50 35.45 10.30
CA LYS B 46 -12.29 36.02 9.22
C LYS B 46 -13.65 36.48 9.76
N LEU B 47 -14.21 35.71 10.69
CA LEU B 47 -15.48 36.06 11.29
C LEU B 47 -15.34 37.39 12.04
N ALA B 48 -14.24 37.51 12.78
CA ALA B 48 -13.98 38.71 13.54
C ALA B 48 -13.79 39.91 12.61
N ALA B 49 -13.02 39.70 11.54
CA ALA B 49 -12.75 40.77 10.58
C ALA B 49 -13.97 41.14 9.73
N HIS B 50 -14.95 40.26 9.69
CA HIS B 50 -16.16 40.51 8.91
C HIS B 50 -17.06 41.47 9.68
N ALA B 51 -17.21 42.69 9.16
CA ALA B 51 -18.02 43.71 9.80
C ALA B 51 -19.48 43.33 10.06
N ALA B 52 -20.11 42.70 9.08
CA ALA B 52 -21.51 42.30 9.20
C ALA B 52 -21.80 41.33 10.35
N ILE B 53 -20.76 40.66 10.83
CA ILE B 53 -20.91 39.73 11.94
C ILE B 53 -20.49 40.46 13.21
N LYS B 54 -21.41 41.26 13.74
CA LYS B 54 -21.16 42.06 14.93
C LYS B 54 -20.90 41.26 16.21
N GLU B 55 -21.47 40.06 16.31
CA GLU B 55 -21.27 39.23 17.49
C GLU B 55 -19.81 38.83 17.67
N VAL B 56 -18.99 39.06 16.65
CA VAL B 56 -17.57 38.75 16.73
C VAL B 56 -16.82 40.01 16.32
N PRO B 57 -16.63 40.96 17.25
CA PRO B 57 -15.93 42.20 16.93
C PRO B 57 -14.48 42.00 16.49
N ALA B 58 -13.98 42.95 15.69
CA ALA B 58 -12.61 42.89 15.20
C ALA B 58 -11.69 42.70 16.40
N PHE B 59 -10.65 41.87 16.22
CA PHE B 59 -9.72 41.60 17.30
C PHE B 59 -8.65 42.68 17.43
N ALA B 60 -8.20 42.91 18.67
CA ALA B 60 -7.16 43.87 18.93
C ALA B 60 -5.87 43.24 18.44
N ALA B 61 -4.83 44.05 18.26
CA ALA B 61 -3.55 43.54 17.78
C ALA B 61 -3.01 42.37 18.61
N ASP B 62 -3.07 42.50 19.93
CA ASP B 62 -2.56 41.44 20.80
C ASP B 62 -3.37 40.15 20.76
N ALA B 63 -4.66 40.25 20.47
CA ALA B 63 -5.51 39.05 20.40
C ALA B 63 -5.15 38.28 19.14
N ILE B 64 -4.98 39.02 18.04
CA ILE B 64 -4.61 38.42 16.76
C ILE B 64 -3.24 37.75 16.89
N GLY B 65 -2.37 38.38 17.67
CA GLY B 65 -1.04 37.84 17.87
C GLY B 65 -1.11 36.55 18.69
N TYR B 66 -2.00 36.54 19.68
CA TYR B 66 -2.16 35.35 20.52
C TYR B 66 -2.65 34.19 19.66
N LEU B 67 -3.58 34.49 18.76
CA LEU B 67 -4.14 33.46 17.88
C LEU B 67 -3.07 32.97 16.91
N ASP B 68 -2.34 33.89 16.29
CA ASP B 68 -1.29 33.49 15.35
C ASP B 68 -0.25 32.61 16.02
N ALA B 69 0.04 32.91 17.29
CA ALA B 69 1.02 32.13 18.04
C ALA B 69 0.53 30.71 18.25
N ILE B 70 -0.77 30.55 18.47
CA ILE B 70 -1.34 29.22 18.66
C ILE B 70 -1.05 28.39 17.41
N VAL B 71 -1.18 29.02 16.24
CA VAL B 71 -0.93 28.34 14.98
C VAL B 71 0.55 28.03 14.78
N ALA B 72 1.37 29.08 14.82
CA ALA B 72 2.81 28.96 14.62
C ALA B 72 3.59 28.12 15.64
N SER B 73 3.20 28.17 16.91
CA SER B 73 3.92 27.40 17.94
C SER B 73 3.38 26.00 18.17
N PHE B 74 2.25 25.67 17.56
CA PHE B 74 1.63 24.35 17.72
C PHE B 74 2.69 23.25 17.88
N SER B 75 2.67 22.58 19.02
CA SER B 75 3.65 21.53 19.32
C SER B 75 3.08 20.13 19.50
N GLU B 76 3.97 19.17 19.72
CA GLU B 76 3.56 17.80 19.94
C GLU B 76 2.80 17.76 21.26
N GLU B 77 3.19 18.62 22.19
CA GLU B 77 2.53 18.69 23.48
C GLU B 77 1.08 19.12 23.23
N ASP B 78 0.90 20.08 22.33
CA ASP B 78 -0.43 20.58 21.98
C ASP B 78 -1.24 19.43 21.37
N ALA B 79 -0.62 18.71 20.44
CA ALA B 79 -1.27 17.60 19.77
C ALA B 79 -1.62 16.51 20.79
N ALA B 80 -0.73 16.28 21.75
CA ALA B 80 -0.98 15.27 22.77
C ALA B 80 -2.20 15.64 23.60
N ARG B 81 -2.38 16.94 23.87
CA ARG B 81 -3.51 17.40 24.65
C ARG B 81 -4.81 17.13 23.88
N ILE B 82 -4.80 17.39 22.58
CA ILE B 82 -5.97 17.15 21.75
C ILE B 82 -6.34 15.66 21.80
N LYS B 83 -5.34 14.79 21.71
CA LYS B 83 -5.58 13.35 21.77
C LYS B 83 -6.13 12.94 23.14
N THR B 84 -5.72 13.67 24.18
CA THR B 84 -6.22 13.38 25.52
C THR B 84 -7.70 13.72 25.56
N ILE B 85 -8.06 14.84 24.96
CA ILE B 85 -9.45 15.26 24.91
C ILE B 85 -10.23 14.27 24.02
N GLU B 86 -9.60 13.81 22.94
CA GLU B 86 -10.25 12.87 22.04
C GLU B 86 -10.65 11.57 22.76
N ARG B 87 -9.98 11.27 23.86
CA ARG B 87 -10.29 10.08 24.66
C ARG B 87 -11.73 10.16 25.14
N THR B 88 -12.16 11.38 25.43
CA THR B 88 -13.52 11.65 25.91
C THR B 88 -14.51 11.75 24.76
N THR B 89 -14.18 12.56 23.77
CA THR B 89 -15.07 12.77 22.63
C THR B 89 -15.13 11.65 21.61
N ASN B 90 -14.03 10.93 21.44
CA ASN B 90 -13.95 9.87 20.44
C ASN B 90 -14.28 10.53 19.09
N HIS B 91 -13.87 11.78 18.96
CA HIS B 91 -14.08 12.58 17.76
C HIS B 91 -12.91 13.56 17.73
N ASP B 92 -11.99 13.36 16.80
CA ASP B 92 -10.80 14.19 16.72
C ASP B 92 -11.00 15.69 16.49
N VAL B 93 -11.82 16.08 15.53
CA VAL B 93 -12.02 17.50 15.26
C VAL B 93 -12.74 18.21 16.41
N LYS B 94 -13.66 17.54 17.08
CA LYS B 94 -14.34 18.19 18.20
C LYS B 94 -13.28 18.46 19.27
N ALA B 95 -12.34 17.54 19.40
CA ALA B 95 -11.26 17.67 20.39
C ALA B 95 -10.40 18.87 20.06
N VAL B 96 -10.24 19.16 18.77
CA VAL B 96 -9.46 20.31 18.32
C VAL B 96 -10.23 21.57 18.73
N GLU B 97 -11.55 21.55 18.55
CA GLU B 97 -12.39 22.69 18.91
C GLU B 97 -12.25 22.96 20.41
N TYR B 98 -12.42 21.91 21.21
CA TYR B 98 -12.31 22.05 22.66
C TYR B 98 -10.92 22.49 23.10
N PHE B 99 -9.90 22.04 22.39
CA PHE B 99 -8.53 22.42 22.70
C PHE B 99 -8.35 23.92 22.48
N LEU B 100 -8.89 24.43 21.39
CA LEU B 100 -8.79 25.85 21.08
C LEU B 100 -9.58 26.68 22.09
N LYS B 101 -10.73 26.17 22.51
CA LYS B 101 -11.54 26.88 23.49
C LYS B 101 -10.77 26.98 24.80
N GLU B 102 -10.01 25.93 25.13
CA GLU B 102 -9.21 25.92 26.35
C GLU B 102 -8.08 26.96 26.24
N LYS B 103 -7.45 27.02 25.07
CA LYS B 103 -6.34 27.94 24.84
C LYS B 103 -6.72 29.42 24.95
N VAL B 104 -7.90 29.79 24.47
CA VAL B 104 -8.31 31.19 24.51
C VAL B 104 -9.03 31.62 25.79
N ALA B 105 -9.36 30.66 26.65
CA ALA B 105 -10.06 30.96 27.90
C ALA B 105 -9.40 32.02 28.79
N GLU B 106 -8.08 32.10 28.72
CA GLU B 106 -7.33 33.06 29.54
C GLU B 106 -7.28 34.46 28.93
N ILE B 107 -7.74 34.59 27.69
CA ILE B 107 -7.75 35.88 27.01
C ILE B 107 -9.20 36.34 26.90
N PRO B 108 -9.62 37.26 27.78
CA PRO B 108 -10.99 37.79 27.80
C PRO B 108 -11.62 38.07 26.43
N GLU B 109 -10.89 38.81 25.60
CA GLU B 109 -11.37 39.16 24.27
C GLU B 109 -11.70 37.91 23.44
N LEU B 110 -10.85 36.89 23.55
CA LEU B 110 -11.04 35.66 22.81
C LEU B 110 -12.07 34.76 23.48
N HIS B 111 -11.96 34.61 24.79
CA HIS B 111 -12.89 33.79 25.54
C HIS B 111 -14.32 34.29 25.29
N ALA B 112 -14.44 35.59 25.08
CA ALA B 112 -15.72 36.23 24.83
C ALA B 112 -16.42 35.67 23.60
N VAL B 113 -15.65 35.29 22.58
CA VAL B 113 -16.22 34.74 21.36
C VAL B 113 -15.84 33.26 21.21
N SER B 114 -15.62 32.61 22.35
CA SER B 114 -15.23 31.20 22.39
C SER B 114 -16.17 30.28 21.61
N GLU B 115 -17.47 30.53 21.70
CA GLU B 115 -18.44 29.68 20.99
C GLU B 115 -18.51 29.96 19.50
N PHE B 116 -17.59 30.77 18.99
CA PHE B 116 -17.57 31.06 17.56
C PHE B 116 -16.46 30.25 16.91
N ILE B 117 -15.74 29.50 17.74
CA ILE B 117 -14.69 28.64 17.24
C ILE B 117 -15.45 27.47 16.60
N HIS B 118 -15.18 27.22 15.32
CA HIS B 118 -15.84 26.15 14.58
C HIS B 118 -17.28 26.54 14.22
N PHE B 119 -17.60 27.82 14.37
CA PHE B 119 -18.95 28.31 14.08
C PHE B 119 -19.52 27.86 12.73
N ALA B 120 -20.63 27.13 12.77
CA ALA B 120 -21.33 26.64 11.59
C ALA B 120 -20.54 25.62 10.76
N CYS B 121 -19.35 25.27 11.23
CA CYS B 121 -18.50 24.32 10.52
C CYS B 121 -18.83 22.85 10.75
N THR B 122 -18.46 22.02 9.78
CA THR B 122 -18.61 20.58 9.91
C THR B 122 -17.14 20.14 9.89
N SER B 123 -16.84 19.02 10.52
CA SER B 123 -15.47 18.54 10.60
C SER B 123 -14.73 18.52 9.26
N GLU B 124 -15.41 18.05 8.21
CA GLU B 124 -14.79 17.98 6.89
C GLU B 124 -14.37 19.33 6.32
N ASP B 125 -15.00 20.43 6.78
CA ASP B 125 -14.60 21.75 6.29
C ASP B 125 -13.17 21.97 6.73
N ILE B 126 -12.87 21.49 7.94
CA ILE B 126 -11.54 21.61 8.51
C ILE B 126 -10.60 20.56 7.91
N ASN B 127 -11.07 19.33 7.82
CA ASN B 127 -10.25 18.24 7.28
C ASN B 127 -9.78 18.43 5.84
N ASN B 128 -10.72 18.71 4.93
CA ASN B 128 -10.35 18.85 3.53
C ASN B 128 -9.37 19.98 3.28
N LEU B 129 -9.53 21.09 3.99
CA LEU B 129 -8.62 22.21 3.83
C LEU B 129 -7.27 21.82 4.39
N SER B 130 -7.27 20.99 5.43
CA SER B 130 -6.02 20.53 6.01
C SER B 130 -5.31 19.64 4.98
N HIS B 131 -6.07 18.74 4.34
CA HIS B 131 -5.51 17.84 3.33
C HIS B 131 -4.95 18.65 2.15
N ALA B 132 -5.66 19.70 1.76
CA ALA B 132 -5.21 20.53 0.65
C ALA B 132 -3.86 21.16 0.97
N LEU B 133 -3.72 21.67 2.19
CA LEU B 133 -2.48 22.31 2.62
C LEU B 133 -1.34 21.30 2.71
N MET B 134 -1.65 20.08 3.15
CA MET B 134 -0.65 19.04 3.25
C MET B 134 -0.12 18.72 1.85
N LEU B 135 -1.02 18.47 0.92
CA LEU B 135 -0.66 18.13 -0.45
C LEU B 135 0.03 19.27 -1.19
N LYS B 136 -0.41 20.51 -0.97
CA LYS B 136 0.22 21.64 -1.63
C LYS B 136 1.64 21.81 -1.09
N THR B 137 1.80 21.70 0.22
CA THR B 137 3.11 21.82 0.85
C THR B 137 4.04 20.71 0.36
N ALA B 138 3.52 19.50 0.31
CA ALA B 138 4.31 18.35 -0.14
C ALA B 138 4.80 18.52 -1.57
N ARG B 139 3.90 18.94 -2.46
CA ARG B 139 4.25 19.12 -3.85
C ARG B 139 5.28 20.22 -4.07
N ASP B 140 4.96 21.42 -3.60
CA ASP B 140 5.82 22.59 -3.79
C ASP B 140 7.15 22.58 -3.05
N GLU B 141 7.20 21.97 -1.87
CA GLU B 141 8.43 21.95 -1.10
C GLU B 141 9.22 20.65 -1.13
N VAL B 142 8.57 19.54 -1.43
CA VAL B 142 9.28 18.27 -1.41
C VAL B 142 9.35 17.51 -2.73
N ILE B 143 8.20 17.15 -3.27
CA ILE B 143 8.14 16.37 -4.50
C ILE B 143 8.76 17.02 -5.73
N LEU B 144 8.32 18.22 -6.08
CA LEU B 144 8.85 18.91 -7.25
C LEU B 144 10.37 19.10 -7.18
N PRO B 145 10.92 19.42 -5.99
CA PRO B 145 12.38 19.60 -5.94
C PRO B 145 13.14 18.31 -6.22
N TYR B 146 12.59 17.16 -5.82
CA TYR B 146 13.25 15.90 -6.10
C TYR B 146 13.14 15.62 -7.61
N TRP B 147 11.97 15.89 -8.17
CA TRP B 147 11.77 15.67 -9.60
C TRP B 147 12.74 16.55 -10.40
N ARG B 148 12.94 17.77 -9.93
CA ARG B 148 13.86 18.68 -10.62
C ARG B 148 15.29 18.13 -10.52
N GLN B 149 15.64 17.54 -9.39
CA GLN B 149 16.97 16.97 -9.22
C GLN B 149 17.16 15.80 -10.18
N LEU B 150 16.13 14.97 -10.29
CA LEU B 150 16.19 13.82 -11.18
C LEU B 150 16.27 14.28 -12.64
N ILE B 151 15.48 15.28 -13.00
CA ILE B 151 15.49 15.79 -14.36
C ILE B 151 16.83 16.40 -14.71
N ASP B 152 17.37 17.23 -13.82
CA ASP B 152 18.66 17.85 -14.06
C ASP B 152 19.75 16.78 -14.07
N GLY B 153 19.57 15.75 -13.26
CA GLY B 153 20.54 14.68 -13.21
C GLY B 153 20.60 13.92 -14.53
N LEU B 154 19.44 13.59 -15.08
CA LEU B 154 19.38 12.88 -16.35
C LEU B 154 19.94 13.75 -17.47
N LYS B 155 19.67 15.04 -17.44
CA LYS B 155 20.18 15.94 -18.46
C LYS B 155 21.70 15.97 -18.41
N ASP B 156 22.26 16.02 -17.20
CA ASP B 156 23.70 16.04 -17.05
C ASP B 156 24.29 14.78 -17.67
N LEU B 157 23.64 13.63 -17.41
CA LEU B 157 24.12 12.38 -17.98
C LEU B 157 24.03 12.42 -19.49
N ALA B 158 22.95 13.01 -20.01
CA ALA B 158 22.75 13.11 -21.44
C ALA B 158 23.89 13.90 -22.09
N VAL B 159 24.21 15.05 -21.51
CA VAL B 159 25.28 15.90 -22.03
C VAL B 159 26.63 15.19 -21.90
N GLN B 160 26.87 14.62 -20.72
CA GLN B 160 28.11 13.92 -20.45
C GLN B 160 28.37 12.75 -21.41
N TYR B 161 27.30 12.04 -21.77
CA TYR B 161 27.44 10.87 -22.64
C TYR B 161 26.87 11.06 -24.04
N ARG B 162 26.66 12.32 -24.41
CA ARG B 162 26.08 12.69 -25.71
C ARG B 162 26.63 11.95 -26.93
N ASP B 163 27.95 11.76 -26.98
CA ASP B 163 28.55 11.12 -28.14
C ASP B 163 29.03 9.69 -27.95
N ILE B 164 28.70 9.08 -26.81
CA ILE B 164 29.10 7.70 -26.55
C ILE B 164 28.14 6.73 -27.23
N PRO B 165 28.62 6.04 -28.28
CA PRO B 165 27.84 5.07 -29.05
C PRO B 165 27.34 3.90 -28.21
N LEU B 166 26.17 3.38 -28.57
CA LEU B 166 25.56 2.27 -27.85
C LEU B 166 24.84 1.33 -28.82
N LEU B 167 25.09 0.03 -28.66
CA LEU B 167 24.42 -0.95 -29.50
C LEU B 167 23.01 -1.04 -28.90
N SER B 168 22.03 -0.49 -29.61
CA SER B 168 20.67 -0.52 -29.13
C SER B 168 20.14 -1.93 -29.04
N ARG B 169 19.10 -2.10 -28.22
CA ARG B 169 18.46 -3.39 -28.01
C ARG B 169 16.94 -3.27 -28.13
N THR B 170 16.37 -3.91 -29.14
CA THR B 170 14.91 -3.93 -29.32
C THR B 170 14.57 -5.42 -29.30
N ASN B 171 13.57 -5.80 -28.50
CA ASN B 171 13.21 -7.21 -28.35
C ASN B 171 14.39 -7.85 -27.63
N GLY B 172 15.24 -7.01 -27.04
CA GLY B 172 16.43 -7.46 -26.33
C GLY B 172 17.58 -7.80 -27.26
N GLN B 173 17.38 -7.61 -28.56
CA GLN B 173 18.36 -7.94 -29.59
C GLN B 173 19.15 -6.76 -30.17
N PRO B 174 20.42 -7.03 -30.59
CA PRO B 174 21.27 -5.99 -31.17
C PRO B 174 20.52 -5.27 -32.28
N ALA B 175 20.46 -3.94 -32.18
CA ALA B 175 19.74 -3.14 -33.15
C ALA B 175 20.48 -1.87 -33.54
N THR B 176 19.87 -1.07 -34.41
CA THR B 176 20.45 0.18 -34.87
C THR B 176 20.96 1.00 -33.69
N PRO B 177 22.25 1.39 -33.72
CA PRO B 177 22.87 2.17 -32.64
C PRO B 177 22.30 3.54 -32.32
N SER B 178 22.59 3.98 -31.10
CA SER B 178 22.17 5.26 -30.56
C SER B 178 23.36 5.69 -29.71
N THR B 179 23.17 6.63 -28.80
CA THR B 179 24.25 7.03 -27.90
C THR B 179 23.69 6.96 -26.49
N ILE B 180 24.56 6.73 -25.52
CA ILE B 180 24.13 6.68 -24.13
C ILE B 180 23.40 7.97 -23.79
N GLY B 181 23.96 9.09 -24.21
CA GLY B 181 23.36 10.39 -23.94
C GLY B 181 21.94 10.55 -24.46
N LYS B 182 21.69 10.06 -25.67
CA LYS B 182 20.35 10.15 -26.25
C LYS B 182 19.36 9.34 -25.42
N GLU B 183 19.76 8.16 -24.98
CA GLU B 183 18.86 7.33 -24.17
C GLU B 183 18.53 7.99 -22.83
N MET B 184 19.43 8.84 -22.36
CA MET B 184 19.22 9.58 -21.11
C MET B 184 18.26 10.73 -21.41
N ALA B 185 18.48 11.37 -22.55
CA ALA B 185 17.67 12.51 -22.97
C ALA B 185 16.19 12.14 -23.11
N ASN B 186 15.90 10.95 -23.64
CA ASN B 186 14.51 10.53 -23.80
C ASN B 186 13.78 10.52 -22.46
N VAL B 187 14.47 10.05 -21.43
CA VAL B 187 13.89 9.97 -20.09
C VAL B 187 13.66 11.36 -19.48
N ALA B 188 14.63 12.26 -19.65
CA ALA B 188 14.50 13.60 -19.11
C ALA B 188 13.27 14.28 -19.72
N TYR B 189 13.11 14.12 -21.03
CA TYR B 189 11.98 14.72 -21.72
C TYR B 189 10.65 14.21 -21.15
N ARG B 190 10.55 12.90 -20.94
CA ARG B 190 9.33 12.32 -20.39
C ARG B 190 9.06 12.84 -18.97
N MET B 191 10.10 12.88 -18.14
CA MET B 191 9.96 13.36 -16.77
C MET B 191 9.48 14.81 -16.75
N GLU B 192 9.96 15.60 -17.70
CA GLU B 192 9.60 17.01 -17.80
C GLU B 192 8.11 17.18 -18.06
N ARG B 193 7.55 16.33 -18.93
CA ARG B 193 6.12 16.41 -19.24
C ARG B 193 5.30 16.20 -17.98
N GLN B 194 5.69 15.23 -17.16
CA GLN B 194 4.96 14.96 -15.92
C GLN B 194 5.15 16.07 -14.91
N TYR B 195 6.34 16.67 -14.87
CA TYR B 195 6.61 17.75 -13.94
C TYR B 195 5.63 18.89 -14.21
N ARG B 196 5.47 19.24 -15.49
CA ARG B 196 4.56 20.31 -15.89
C ARG B 196 3.13 19.97 -15.48
N GLN B 197 2.74 18.73 -15.72
CA GLN B 197 1.40 18.28 -15.38
C GLN B 197 1.16 18.31 -13.86
N LEU B 198 2.11 17.81 -13.08
CA LEU B 198 1.94 17.82 -11.62
C LEU B 198 1.77 19.25 -11.12
N ASN B 199 2.57 20.15 -11.66
CA ASN B 199 2.55 21.55 -11.26
C ASN B 199 1.22 22.23 -11.61
N GLN B 200 0.58 21.76 -12.66
CA GLN B 200 -0.69 22.31 -13.11
C GLN B 200 -1.93 21.68 -12.46
N VAL B 201 -1.72 20.62 -11.69
CA VAL B 201 -2.84 19.97 -11.02
C VAL B 201 -3.46 20.95 -10.02
N GLU B 202 -4.78 21.03 -10.04
CA GLU B 202 -5.49 21.91 -9.11
C GLU B 202 -5.56 21.24 -7.74
N ILE B 203 -5.39 22.05 -6.70
CA ILE B 203 -5.49 21.55 -5.33
C ILE B 203 -6.71 22.29 -4.79
N LEU B 204 -7.80 21.54 -4.68
CA LEU B 204 -9.09 22.09 -4.26
C LEU B 204 -9.44 22.02 -2.78
N GLY B 205 -10.26 22.97 -2.37
CA GLY B 205 -10.70 23.04 -0.98
C GLY B 205 -12.09 23.63 -0.92
N LYS B 206 -12.82 23.30 0.14
CA LYS B 206 -14.18 23.77 0.32
C LYS B 206 -14.49 24.05 1.78
N ILE B 207 -15.59 24.76 2.00
CA ILE B 207 -16.07 25.06 3.34
C ILE B 207 -17.52 25.49 3.14
N ASN B 208 -18.45 24.63 3.55
CA ASN B 208 -19.86 24.91 3.36
C ASN B 208 -20.81 24.18 4.31
N GLY B 209 -20.29 23.69 5.43
CA GLY B 209 -21.14 23.03 6.38
C GLY B 209 -21.44 21.55 6.20
N ALA B 210 -22.26 21.04 7.11
CA ALA B 210 -22.69 19.65 7.19
C ALA B 210 -22.79 18.84 5.90
N VAL B 211 -23.59 19.32 4.95
CA VAL B 211 -23.77 18.60 3.69
C VAL B 211 -23.47 19.44 2.46
N GLY B 212 -22.83 20.59 2.67
CA GLY B 212 -22.45 21.45 1.56
C GLY B 212 -23.40 22.55 1.14
N ASN B 213 -24.44 22.82 1.93
CA ASN B 213 -25.41 23.85 1.59
C ASN B 213 -25.47 25.07 2.52
N TYR B 214 -24.46 25.24 3.37
CA TYR B 214 -24.41 26.36 4.31
C TYR B 214 -25.66 26.43 5.19
N ASN B 215 -26.31 25.30 5.42
CA ASN B 215 -27.54 25.26 6.22
C ASN B 215 -27.43 26.00 7.55
N ALA B 216 -26.46 25.60 8.37
CA ALA B 216 -26.24 26.20 9.67
C ALA B 216 -25.89 27.68 9.59
N HIS B 217 -25.04 28.04 8.62
CA HIS B 217 -24.62 29.42 8.43
C HIS B 217 -25.82 30.33 8.19
N ILE B 218 -26.65 29.94 7.23
CA ILE B 218 -27.82 30.70 6.85
C ILE B 218 -28.86 30.79 7.96
N ALA B 219 -29.04 29.71 8.72
CA ALA B 219 -30.00 29.71 9.82
C ALA B 219 -29.65 30.78 10.85
N ALA B 220 -28.35 31.00 11.08
CA ALA B 220 -27.90 31.99 12.05
C ALA B 220 -27.70 33.37 11.44
N TYR B 221 -27.10 33.42 10.26
CA TYR B 221 -26.85 34.69 9.57
C TYR B 221 -27.40 34.65 8.16
N PRO B 222 -28.73 34.76 8.02
CA PRO B 222 -29.39 34.73 6.70
C PRO B 222 -29.05 35.90 5.78
N GLU B 223 -28.49 36.96 6.36
CA GLU B 223 -28.14 38.16 5.59
C GLU B 223 -26.72 38.14 5.05
N VAL B 224 -25.91 37.18 5.52
CA VAL B 224 -24.53 37.07 5.07
C VAL B 224 -24.42 36.19 3.83
N ASP B 225 -23.64 36.63 2.86
CA ASP B 225 -23.44 35.85 1.64
C ASP B 225 -22.36 34.84 1.95
N TRP B 226 -22.78 33.67 2.41
CA TRP B 226 -21.83 32.63 2.78
C TRP B 226 -21.13 31.96 1.60
N HIS B 227 -21.72 32.05 0.41
CA HIS B 227 -21.09 31.45 -0.76
C HIS B 227 -19.86 32.28 -1.11
N GLN B 228 -19.98 33.59 -0.95
CA GLN B 228 -18.86 34.50 -1.22
C GLN B 228 -17.83 34.33 -0.11
N PHE B 229 -18.32 34.24 1.11
CA PHE B 229 -17.48 34.08 2.29
C PHE B 229 -16.61 32.82 2.13
N SER B 230 -17.22 31.74 1.64
CA SER B 230 -16.53 30.47 1.43
C SER B 230 -15.39 30.58 0.42
N GLU B 231 -15.69 31.14 -0.74
CA GLU B 231 -14.68 31.30 -1.78
C GLU B 231 -13.53 32.16 -1.28
N GLU B 232 -13.84 33.22 -0.53
CA GLU B 232 -12.81 34.10 -0.01
C GLU B 232 -11.89 33.38 0.97
N PHE B 233 -12.49 32.64 1.89
CA PHE B 233 -11.72 31.92 2.89
C PHE B 233 -10.80 30.88 2.27
N VAL B 234 -11.34 30.04 1.39
CA VAL B 234 -10.53 29.00 0.77
C VAL B 234 -9.36 29.60 -0.01
N THR B 235 -9.64 30.60 -0.84
CA THR B 235 -8.59 31.23 -1.62
C THR B 235 -7.59 31.98 -0.73
N SER B 236 -8.04 32.42 0.44
CA SER B 236 -7.14 33.14 1.35
C SER B 236 -6.07 32.20 1.89
N LEU B 237 -6.38 30.89 1.88
CA LEU B 237 -5.43 29.89 2.36
C LEU B 237 -4.49 29.45 1.26
N GLY B 238 -4.69 29.99 0.06
CA GLY B 238 -3.84 29.63 -1.06
C GLY B 238 -4.35 28.39 -1.76
N ILE B 239 -5.61 28.03 -1.49
CA ILE B 239 -6.21 26.85 -2.08
C ILE B 239 -7.23 27.25 -3.14
N GLN B 240 -7.41 26.40 -4.14
CA GLN B 240 -8.38 26.67 -5.20
C GLN B 240 -9.76 26.21 -4.73
N TRP B 241 -10.76 27.04 -4.97
CA TRP B 241 -12.13 26.79 -4.52
C TRP B 241 -12.95 25.73 -5.27
N ASN B 242 -13.59 24.86 -4.50
CA ASN B 242 -14.46 23.82 -5.03
C ASN B 242 -15.85 24.15 -4.47
N PRO B 243 -16.68 24.85 -5.26
CA PRO B 243 -18.03 25.27 -4.87
C PRO B 243 -19.10 24.21 -4.64
N TYR B 244 -19.01 23.09 -5.33
CA TYR B 244 -20.03 22.04 -5.18
C TYR B 244 -19.49 20.77 -4.54
N THR B 245 -19.96 20.48 -3.34
CA THR B 245 -19.55 19.27 -2.63
C THR B 245 -20.67 18.80 -1.72
N THR B 246 -20.49 17.61 -1.15
CA THR B 246 -21.43 17.06 -0.18
C THR B 246 -20.73 17.41 1.13
N GLN B 247 -20.76 16.52 2.10
CA GLN B 247 -20.07 16.81 3.36
C GLN B 247 -18.56 16.87 3.11
N ILE B 248 -18.08 16.05 2.19
CA ILE B 248 -16.66 16.00 1.91
C ILE B 248 -16.30 16.66 0.59
N GLU B 249 -15.02 17.01 0.46
CA GLU B 249 -14.49 17.54 -0.79
C GLU B 249 -14.40 16.18 -1.49
N PRO B 250 -14.94 16.05 -2.71
CA PRO B 250 -14.93 14.79 -3.48
C PRO B 250 -13.63 14.00 -3.68
N HIS B 251 -12.48 14.66 -3.54
CA HIS B 251 -11.17 14.00 -3.69
C HIS B 251 -10.74 13.70 -5.13
N ASP B 252 -11.42 14.25 -6.13
CA ASP B 252 -11.02 13.99 -7.51
C ASP B 252 -9.63 14.54 -7.79
N TYR B 253 -9.33 15.73 -7.27
CA TYR B 253 -8.03 16.34 -7.49
C TYR B 253 -6.90 15.50 -6.87
N ILE B 254 -7.21 14.77 -5.80
CA ILE B 254 -6.18 13.94 -5.19
C ILE B 254 -5.83 12.81 -6.15
N ALA B 255 -6.84 12.31 -6.87
CA ALA B 255 -6.60 11.25 -7.85
C ALA B 255 -5.76 11.86 -8.97
N GLU B 256 -6.09 13.10 -9.35
CA GLU B 256 -5.36 13.80 -10.40
C GLU B 256 -3.90 13.99 -10.01
N LEU B 257 -3.66 14.33 -8.74
CA LEU B 257 -2.31 14.52 -8.22
C LEU B 257 -1.53 13.20 -8.22
N PHE B 258 -2.12 12.18 -7.62
CA PHE B 258 -1.50 10.87 -7.52
C PHE B 258 -1.33 10.16 -8.85
N ASP B 259 -2.22 10.39 -9.80
CA ASP B 259 -2.11 9.75 -11.09
C ASP B 259 -0.86 10.26 -11.81
N CYS B 260 -0.58 11.56 -11.70
CA CYS B 260 0.60 12.09 -12.38
C CYS B 260 1.88 11.66 -11.65
N VAL B 261 1.83 11.56 -10.32
CA VAL B 261 3.00 11.12 -9.57
C VAL B 261 3.31 9.67 -9.96
N ALA B 262 2.24 8.87 -10.12
CA ALA B 262 2.40 7.47 -10.50
C ALA B 262 3.00 7.34 -11.90
N ARG B 263 2.61 8.25 -12.79
CA ARG B 263 3.14 8.23 -14.16
C ARG B 263 4.64 8.52 -14.13
N PHE B 264 5.03 9.50 -13.33
CA PHE B 264 6.44 9.85 -13.18
C PHE B 264 7.18 8.64 -12.62
N ASN B 265 6.64 8.07 -11.54
CA ASN B 265 7.24 6.90 -10.89
C ASN B 265 7.44 5.77 -11.90
N THR B 266 6.47 5.58 -12.80
CA THR B 266 6.54 4.53 -13.80
C THR B 266 7.70 4.80 -14.76
N ILE B 267 7.90 6.06 -15.12
CA ILE B 267 9.01 6.43 -15.99
C ILE B 267 10.31 6.10 -15.26
N LEU B 268 10.34 6.38 -13.96
CA LEU B 268 11.53 6.12 -13.16
C LEU B 268 11.79 4.62 -13.01
N ILE B 269 10.71 3.83 -12.96
CA ILE B 269 10.85 2.38 -12.84
C ILE B 269 11.53 1.89 -14.11
N ASP B 270 11.05 2.39 -15.23
CA ASP B 270 11.58 2.04 -16.54
C ASP B 270 13.08 2.39 -16.58
N PHE B 271 13.43 3.55 -16.03
CA PHE B 271 14.82 3.99 -15.98
C PHE B 271 15.64 3.08 -15.08
N ASP B 272 15.16 2.84 -13.86
CA ASP B 272 15.87 1.97 -12.93
C ASP B 272 16.18 0.62 -13.57
N ARG B 273 15.21 0.09 -14.29
CA ARG B 273 15.38 -1.21 -14.94
C ARG B 273 16.39 -1.17 -16.07
N ASP B 274 16.30 -0.16 -16.92
CA ASP B 274 17.22 -0.04 -18.04
C ASP B 274 18.67 0.09 -17.58
N VAL B 275 18.91 0.93 -16.58
CA VAL B 275 20.27 1.11 -16.08
C VAL B 275 20.77 -0.16 -15.42
N TRP B 276 19.89 -0.84 -14.69
CA TRP B 276 20.22 -2.11 -14.04
C TRP B 276 20.74 -3.03 -15.16
N GLY B 277 20.05 -3.01 -16.30
CA GLY B 277 20.45 -3.82 -17.43
C GLY B 277 21.75 -3.37 -18.08
N TYR B 278 21.95 -2.06 -18.20
CA TYR B 278 23.20 -1.57 -18.80
C TYR B 278 24.37 -1.97 -17.92
N ILE B 279 24.14 -1.97 -16.61
CA ILE B 279 25.18 -2.36 -15.67
C ILE B 279 25.46 -3.86 -15.79
N ALA B 280 24.40 -4.64 -16.01
CA ALA B 280 24.54 -6.08 -16.17
C ALA B 280 25.36 -6.38 -17.42
N LEU B 281 25.15 -5.58 -18.46
CA LEU B 281 25.87 -5.73 -19.72
C LEU B 281 27.29 -5.16 -19.65
N ASN B 282 27.61 -4.53 -18.52
CA ASN B 282 28.93 -3.93 -18.31
C ASN B 282 29.16 -2.67 -19.15
N HIS B 283 28.08 -1.97 -19.49
CA HIS B 283 28.19 -0.73 -20.26
C HIS B 283 28.49 0.39 -19.27
N PHE B 284 28.23 0.10 -18.00
CA PHE B 284 28.48 1.03 -16.91
C PHE B 284 29.18 0.28 -15.79
N LYS B 285 30.23 0.88 -15.25
CA LYS B 285 30.94 0.31 -14.12
C LYS B 285 30.34 1.05 -12.93
N GLN B 286 30.55 0.53 -11.73
CA GLN B 286 30.01 1.17 -10.54
C GLN B 286 31.10 1.63 -9.59
N LYS B 287 31.02 2.88 -9.15
CA LYS B 287 32.01 3.42 -8.22
C LYS B 287 31.95 2.59 -6.94
N THR B 288 33.11 2.29 -6.37
CA THR B 288 33.19 1.49 -5.15
C THR B 288 33.76 2.26 -3.96
N ILE B 289 33.21 1.99 -2.78
CA ILE B 289 33.65 2.63 -1.55
C ILE B 289 34.48 1.64 -0.74
N ALA B 290 35.59 2.13 -0.19
CA ALA B 290 36.47 1.29 0.62
C ALA B 290 35.75 0.90 1.92
N GLY B 291 35.76 -0.39 2.21
CA GLY B 291 35.12 -0.88 3.43
C GLY B 291 33.79 -1.55 3.18
N GLU B 292 33.12 -1.19 2.08
CA GLU B 292 31.81 -1.78 1.78
C GLU B 292 31.87 -3.24 1.32
N ILE B 293 30.77 -3.95 1.55
CA ILE B 293 30.64 -5.36 1.20
C ILE B 293 29.55 -5.54 0.14
N GLY B 294 29.92 -6.12 -1.00
CA GLY B 294 28.95 -6.32 -2.06
C GLY B 294 28.11 -7.55 -1.78
N SER B 295 28.79 -8.66 -1.48
CA SER B 295 28.15 -9.94 -1.20
C SER B 295 28.71 -10.53 0.08
N SER B 296 27.87 -11.22 0.83
CA SER B 296 28.32 -11.84 2.07
C SER B 296 29.12 -13.10 1.75
N THR B 297 28.95 -13.62 0.54
CA THR B 297 29.63 -14.85 0.15
C THR B 297 30.48 -14.79 -1.11
N MET B 298 30.14 -13.87 -2.01
CA MET B 298 30.89 -13.70 -3.26
C MET B 298 31.66 -12.38 -3.15
N PRO B 299 32.93 -12.46 -2.70
CA PRO B 299 33.81 -11.29 -2.53
C PRO B 299 33.92 -10.30 -3.69
N HIS B 300 33.82 -10.79 -4.91
CA HIS B 300 33.97 -9.95 -6.10
C HIS B 300 32.80 -9.03 -6.43
N LYS B 301 31.61 -9.36 -5.92
CA LYS B 301 30.40 -8.60 -6.22
C LYS B 301 30.36 -7.10 -5.92
N VAL B 302 29.82 -6.35 -6.88
CA VAL B 302 29.59 -4.92 -6.79
C VAL B 302 28.19 -4.85 -7.43
N ASN B 303 27.16 -4.59 -6.62
CA ASN B 303 25.79 -4.57 -7.13
C ASN B 303 25.11 -3.20 -7.19
N PRO B 304 24.21 -3.01 -8.17
CA PRO B 304 23.48 -1.74 -8.33
C PRO B 304 22.30 -1.69 -7.36
N ILE B 305 22.58 -1.85 -6.07
CA ILE B 305 21.54 -1.88 -5.05
C ILE B 305 20.69 -0.62 -4.92
N ASP B 306 21.24 0.53 -5.30
CA ASP B 306 20.50 1.78 -5.21
C ASP B 306 19.34 1.81 -6.23
N PHE B 307 19.63 1.36 -7.45
CA PHE B 307 18.61 1.33 -8.48
C PHE B 307 17.54 0.29 -8.13
N GLU B 308 17.98 -0.82 -7.53
CA GLU B 308 17.07 -1.88 -7.14
C GLU B 308 16.16 -1.44 -6.00
N ASN B 309 16.73 -0.73 -5.02
CA ASN B 309 15.97 -0.24 -3.89
C ASN B 309 14.89 0.71 -4.39
N SER B 310 15.29 1.61 -5.29
CA SER B 310 14.36 2.57 -5.88
C SER B 310 13.25 1.86 -6.64
N GLU B 311 13.62 0.86 -7.43
CA GLU B 311 12.63 0.13 -8.22
C GLU B 311 11.57 -0.52 -7.33
N GLY B 312 12.02 -1.14 -6.23
CA GLY B 312 11.10 -1.78 -5.33
C GLY B 312 10.15 -0.80 -4.67
N ASN B 313 10.68 0.32 -4.21
CA ASN B 313 9.86 1.32 -3.54
C ASN B 313 8.91 2.06 -4.48
N LEU B 314 9.26 2.15 -5.76
CA LEU B 314 8.39 2.83 -6.71
C LEU B 314 7.14 1.97 -6.92
N GLY B 315 7.32 0.65 -6.91
CA GLY B 315 6.20 -0.25 -7.08
C GLY B 315 5.24 -0.12 -5.90
N LEU B 316 5.80 -0.03 -4.69
CA LEU B 316 5.00 0.12 -3.47
C LEU B 316 4.28 1.47 -3.50
N SER B 317 5.01 2.50 -3.90
CA SER B 317 4.43 3.84 -3.98
C SER B 317 3.20 3.83 -4.88
N ASN B 318 3.33 3.29 -6.09
CA ASN B 318 2.22 3.25 -7.03
C ASN B 318 1.03 2.43 -6.54
N ALA B 319 1.31 1.37 -5.78
CA ALA B 319 0.23 0.53 -5.26
C ALA B 319 -0.62 1.35 -4.29
N VAL B 320 0.02 2.12 -3.43
CA VAL B 320 -0.71 2.94 -2.46
C VAL B 320 -1.37 4.14 -3.13
N LEU B 321 -0.63 4.85 -3.97
CA LEU B 321 -1.18 6.02 -4.67
C LEU B 321 -2.39 5.63 -5.50
N GLN B 322 -2.29 4.51 -6.20
CA GLN B 322 -3.38 4.01 -7.04
C GLN B 322 -4.61 3.65 -6.23
N HIS B 323 -4.43 3.00 -5.08
CA HIS B 323 -5.56 2.64 -4.24
C HIS B 323 -6.29 3.89 -3.79
N LEU B 324 -5.55 4.88 -3.30
CA LEU B 324 -6.16 6.12 -2.85
C LEU B 324 -6.85 6.85 -4.00
N ALA B 325 -6.20 6.89 -5.16
CA ALA B 325 -6.77 7.58 -6.31
C ALA B 325 -8.12 7.00 -6.74
N SER B 326 -8.22 5.68 -6.76
CA SER B 326 -9.45 5.01 -7.19
C SER B 326 -10.51 4.83 -6.11
N LYS B 327 -10.09 4.75 -4.86
CA LYS B 327 -11.03 4.53 -3.77
C LYS B 327 -11.61 5.79 -3.11
N LEU B 328 -10.77 6.81 -2.94
CA LEU B 328 -11.23 8.04 -2.29
C LEU B 328 -12.46 8.74 -2.89
N PRO B 329 -12.50 8.93 -4.23
CA PRO B 329 -13.65 9.60 -4.86
C PRO B 329 -15.02 8.92 -4.78
N VAL B 330 -15.08 7.74 -4.16
CA VAL B 330 -16.36 7.04 -4.01
C VAL B 330 -16.73 7.06 -2.53
N SER B 331 -17.86 7.68 -2.21
CA SER B 331 -18.31 7.79 -0.82
C SER B 331 -19.83 7.71 -0.79
N ARG B 332 -20.38 6.80 0.01
CA ARG B 332 -21.82 6.60 0.07
C ARG B 332 -22.65 7.84 0.40
N TRP B 333 -23.60 8.13 -0.49
CA TRP B 333 -24.49 9.28 -0.36
C TRP B 333 -23.74 10.57 -0.03
N GLN B 334 -24.12 11.27 1.04
CA GLN B 334 -23.44 12.51 1.36
C GLN B 334 -22.05 12.29 1.99
N ARG B 335 -21.65 11.02 2.03
CA ARG B 335 -20.35 10.51 2.51
C ARG B 335 -20.36 9.42 3.57
N ASP B 336 -19.45 8.46 3.43
CA ASP B 336 -19.28 7.43 4.43
C ASP B 336 -17.90 7.78 4.97
N LEU B 337 -17.57 7.34 6.17
CA LEU B 337 -16.31 7.70 6.80
C LEU B 337 -15.06 6.92 6.44
N THR B 338 -15.14 6.02 5.47
CA THR B 338 -13.98 5.22 5.10
C THR B 338 -12.80 6.02 4.57
N ASP B 339 -13.04 7.23 4.08
CA ASP B 339 -11.94 8.03 3.56
C ASP B 339 -11.07 8.68 4.65
N SER B 340 -11.62 8.87 5.84
CA SER B 340 -10.85 9.49 6.91
C SER B 340 -9.58 8.69 7.23
N THR B 341 -9.73 7.42 7.56
CA THR B 341 -8.57 6.61 7.89
C THR B 341 -7.62 6.50 6.69
N VAL B 342 -8.18 6.37 5.50
CA VAL B 342 -7.38 6.26 4.29
C VAL B 342 -6.55 7.53 4.06
N LEU B 343 -7.16 8.69 4.28
CA LEU B 343 -6.46 9.95 4.08
C LEU B 343 -5.30 10.19 5.05
N ARG B 344 -5.14 9.32 6.04
CA ARG B 344 -4.04 9.45 6.98
C ARG B 344 -2.84 8.76 6.34
N ASN B 345 -3.04 8.25 5.13
CA ASN B 345 -2.01 7.55 4.39
C ASN B 345 -1.51 8.29 3.14
N LEU B 346 -1.86 9.56 3.03
CA LEU B 346 -1.42 10.38 1.90
C LEU B 346 0.11 10.45 1.85
N GLY B 347 0.73 10.49 3.02
CA GLY B 347 2.19 10.59 3.09
C GLY B 347 2.92 9.29 2.84
N VAL B 348 2.21 8.18 2.99
CA VAL B 348 2.77 6.86 2.80
C VAL B 348 3.14 6.62 1.33
N GLY B 349 2.19 6.86 0.43
CA GLY B 349 2.45 6.66 -0.98
C GLY B 349 3.57 7.59 -1.43
N ILE B 350 3.52 8.82 -0.93
CA ILE B 350 4.52 9.82 -1.26
C ILE B 350 5.88 9.44 -0.68
N GLY B 351 5.87 8.91 0.55
CA GLY B 351 7.10 8.51 1.20
C GLY B 351 7.90 7.45 0.47
N TYR B 352 7.24 6.40 -0.01
CA TYR B 352 7.92 5.35 -0.76
C TYR B 352 8.61 5.96 -1.99
N ALA B 353 7.91 6.90 -2.61
CA ALA B 353 8.41 7.58 -3.79
C ALA B 353 9.67 8.39 -3.48
N LEU B 354 9.64 9.15 -2.39
CA LEU B 354 10.78 9.97 -1.99
C LEU B 354 12.01 9.10 -1.74
N ILE B 355 11.79 7.96 -1.08
CA ILE B 355 12.88 7.03 -0.77
C ILE B 355 13.51 6.56 -2.07
N ALA B 356 12.66 6.25 -3.05
CA ALA B 356 13.12 5.79 -4.36
C ALA B 356 13.85 6.89 -5.12
N TYR B 357 13.37 8.13 -5.03
CA TYR B 357 14.01 9.23 -5.74
C TYR B 357 15.44 9.40 -5.25
N GLN B 358 15.61 9.33 -3.94
CA GLN B 358 16.94 9.47 -3.35
C GLN B 358 17.85 8.30 -3.72
N SER B 359 17.30 7.09 -3.72
CA SER B 359 18.09 5.92 -4.08
C SER B 359 18.57 6.02 -5.53
N THR B 360 17.69 6.44 -6.43
CA THR B 360 18.07 6.58 -7.84
C THR B 360 19.19 7.60 -7.97
N LEU B 361 19.05 8.74 -7.29
CA LEU B 361 20.07 9.77 -7.35
C LEU B 361 21.39 9.20 -6.84
N LYS B 362 21.31 8.41 -5.78
CA LYS B 362 22.50 7.79 -5.22
C LYS B 362 23.13 6.84 -6.23
N GLY B 363 22.30 6.05 -6.90
CA GLY B 363 22.81 5.12 -7.89
C GLY B 363 23.46 5.85 -9.05
N VAL B 364 22.82 6.92 -9.50
CA VAL B 364 23.35 7.73 -10.59
C VAL B 364 24.74 8.27 -10.28
N SER B 365 24.94 8.71 -9.04
CA SER B 365 26.23 9.27 -8.62
C SER B 365 27.36 8.24 -8.69
N LYS B 366 27.01 6.96 -8.78
CA LYS B 366 28.03 5.92 -8.82
C LYS B 366 28.30 5.36 -10.22
N LEU B 367 27.60 5.90 -11.22
CA LEU B 367 27.78 5.44 -12.60
C LEU B 367 29.10 5.88 -13.23
N GLU B 368 29.75 4.94 -13.91
CA GLU B 368 31.01 5.18 -14.59
C GLU B 368 30.88 4.49 -15.94
N VAL B 369 30.61 5.26 -16.98
CA VAL B 369 30.43 4.69 -18.31
C VAL B 369 31.67 3.92 -18.76
N ASN B 370 31.44 2.80 -19.43
CA ASN B 370 32.51 1.93 -19.92
C ASN B 370 32.54 1.99 -21.44
N ARG B 371 33.17 3.03 -21.97
CA ARG B 371 33.28 3.21 -23.42
C ARG B 371 33.93 2.02 -24.11
N ASP B 372 35.00 1.49 -23.51
CA ASP B 372 35.70 0.36 -24.10
C ASP B 372 34.77 -0.79 -24.41
N HIS B 373 33.95 -1.18 -23.43
CA HIS B 373 33.03 -2.28 -23.64
C HIS B 373 31.97 -1.91 -24.67
N LEU B 374 31.37 -0.74 -24.51
CA LEU B 374 30.35 -0.27 -25.45
C LEU B 374 30.84 -0.35 -26.89
N LEU B 375 32.05 0.16 -27.13
CA LEU B 375 32.61 0.15 -28.47
C LEU B 375 32.99 -1.24 -28.94
N ASP B 376 33.57 -2.05 -28.05
CA ASP B 376 33.95 -3.40 -28.40
C ASP B 376 32.73 -4.21 -28.85
N GLU B 377 31.62 -4.04 -28.13
CA GLU B 377 30.40 -4.77 -28.47
C GLU B 377 29.92 -4.36 -29.86
N LEU B 378 29.87 -3.06 -30.11
CA LEU B 378 29.43 -2.56 -31.40
C LEU B 378 30.28 -3.13 -32.53
N ASP B 379 31.58 -3.25 -32.29
CA ASP B 379 32.51 -3.76 -33.30
C ASP B 379 32.31 -5.26 -33.58
N HIS B 380 31.44 -5.91 -32.80
CA HIS B 380 31.14 -7.32 -32.99
C HIS B 380 29.76 -7.49 -33.60
N ASN B 381 29.14 -6.37 -33.96
CA ASN B 381 27.80 -6.40 -34.52
C ASN B 381 27.67 -5.60 -35.81
N TRP B 382 28.46 -5.97 -36.82
CA TRP B 382 28.41 -5.28 -38.09
C TRP B 382 27.13 -5.56 -38.87
N GLU B 383 26.34 -6.53 -38.41
CA GLU B 383 25.10 -6.85 -39.10
C GLU B 383 24.10 -5.69 -39.04
N VAL B 384 24.28 -4.78 -38.07
CA VAL B 384 23.38 -3.65 -37.93
C VAL B 384 23.49 -2.66 -39.09
N LEU B 385 24.49 -2.85 -39.95
CA LEU B 385 24.65 -1.97 -41.10
C LEU B 385 23.77 -2.45 -42.25
N ALA B 386 23.08 -3.57 -42.04
CA ALA B 386 22.20 -4.11 -43.08
C ALA B 386 21.07 -3.13 -43.36
N GLU B 387 20.58 -2.45 -42.33
CA GLU B 387 19.50 -1.47 -42.50
C GLU B 387 19.90 -0.32 -43.43
N PRO B 388 20.97 0.41 -43.10
CA PRO B 388 21.37 1.52 -43.97
C PRO B 388 21.68 1.09 -45.41
N ILE B 389 22.34 -0.05 -45.56
CA ILE B 389 22.69 -0.55 -46.88
C ILE B 389 21.42 -0.76 -47.74
N GLN B 390 20.43 -1.45 -47.18
CA GLN B 390 19.20 -1.70 -47.92
C GLN B 390 18.44 -0.40 -48.20
N THR B 391 18.46 0.51 -47.23
CA THR B 391 17.77 1.78 -47.42
C THR B 391 18.41 2.56 -48.58
N VAL B 392 19.74 2.57 -48.63
CA VAL B 392 20.44 3.26 -49.71
C VAL B 392 20.07 2.59 -51.04
N MET B 393 20.01 1.26 -51.02
CA MET B 393 19.66 0.51 -52.22
C MET B 393 18.25 0.88 -52.66
N ARG B 394 17.34 0.99 -51.69
CA ARG B 394 15.98 1.39 -52.00
C ARG B 394 16.02 2.73 -52.75
N ARG B 395 16.78 3.68 -52.20
CA ARG B 395 16.87 5.00 -52.82
C ARG B 395 17.31 4.95 -54.28
N TYR B 396 18.31 4.13 -54.60
CA TYR B 396 18.81 4.05 -55.96
C TYR B 396 18.19 2.96 -56.83
N GLY B 397 16.95 2.60 -56.51
CA GLY B 397 16.24 1.61 -57.30
C GLY B 397 16.85 0.22 -57.50
N ILE B 398 17.55 -0.29 -56.49
CA ILE B 398 18.12 -1.63 -56.61
C ILE B 398 17.06 -2.63 -56.14
N GLU B 399 16.79 -3.64 -56.98
CA GLU B 399 15.76 -4.64 -56.67
C GLU B 399 15.90 -5.37 -55.35
N LYS B 400 14.76 -5.67 -54.74
CA LYS B 400 14.67 -6.39 -53.48
C LYS B 400 15.80 -6.12 -52.49
N PRO B 401 16.03 -4.83 -52.18
CA PRO B 401 17.10 -4.43 -51.24
C PRO B 401 16.98 -5.09 -49.85
N TYR B 402 15.83 -4.91 -49.20
CA TYR B 402 15.62 -5.49 -47.89
C TYR B 402 15.80 -7.00 -47.94
N GLU B 403 15.17 -7.62 -48.93
CA GLU B 403 15.24 -9.07 -49.09
C GLU B 403 16.68 -9.58 -49.25
N LYS B 404 17.49 -8.87 -50.04
CA LYS B 404 18.88 -9.27 -50.25
C LYS B 404 19.69 -9.19 -48.97
N LEU B 405 19.45 -8.15 -48.17
CA LEU B 405 20.18 -8.00 -46.92
C LEU B 405 19.72 -9.02 -45.88
N LYS B 406 18.45 -9.41 -45.95
CA LYS B 406 17.93 -10.39 -45.02
C LYS B 406 18.61 -11.74 -45.30
N GLU B 407 18.77 -12.05 -46.58
CA GLU B 407 19.42 -13.30 -46.97
C GLU B 407 20.84 -13.30 -46.46
N LEU B 408 21.47 -12.13 -46.49
CA LEU B 408 22.86 -11.99 -46.06
C LEU B 408 23.10 -12.05 -44.54
N THR B 409 22.21 -11.45 -43.77
CA THR B 409 22.40 -11.37 -42.32
C THR B 409 21.48 -12.12 -41.35
N ARG B 410 20.22 -12.33 -41.71
CA ARG B 410 19.33 -12.99 -40.77
C ARG B 410 19.82 -14.38 -40.36
N GLY B 411 20.18 -14.51 -39.09
CA GLY B 411 20.67 -15.77 -38.57
C GLY B 411 22.08 -16.11 -39.03
N LYS B 412 22.79 -15.11 -39.53
CA LYS B 412 24.16 -15.34 -39.99
C LYS B 412 25.12 -14.30 -39.43
N ARG B 413 26.30 -14.76 -39.05
CA ARG B 413 27.31 -13.85 -38.52
C ARG B 413 28.02 -13.25 -39.72
N VAL B 414 28.10 -11.92 -39.75
CA VAL B 414 28.75 -11.23 -40.85
C VAL B 414 29.64 -10.12 -40.27
N ASP B 415 30.94 -10.22 -40.52
CA ASP B 415 31.88 -9.23 -40.02
C ASP B 415 32.07 -8.05 -40.98
N ALA B 416 32.93 -7.12 -40.60
CA ALA B 416 33.20 -5.93 -41.41
C ALA B 416 33.60 -6.26 -42.84
N GLU B 417 34.50 -7.23 -43.01
CA GLU B 417 34.95 -7.61 -44.34
C GLU B 417 33.79 -8.14 -45.18
N GLY B 418 32.96 -8.97 -44.57
CA GLY B 418 31.82 -9.54 -45.26
C GLY B 418 30.82 -8.47 -45.68
N MET B 419 30.51 -7.55 -44.77
CA MET B 419 29.58 -6.48 -45.10
C MET B 419 30.19 -5.60 -46.18
N LYS B 420 31.50 -5.36 -46.08
CA LYS B 420 32.20 -4.54 -47.05
C LYS B 420 32.19 -5.19 -48.44
N GLN B 421 32.38 -6.52 -48.46
CA GLN B 421 32.38 -7.25 -49.71
C GLN B 421 31.02 -7.16 -50.40
N PHE B 422 29.96 -7.17 -49.60
CA PHE B 422 28.60 -7.08 -50.15
C PHE B 422 28.39 -5.71 -50.80
N ILE B 423 28.84 -4.66 -50.12
CA ILE B 423 28.70 -3.31 -50.63
C ILE B 423 29.41 -3.13 -51.97
N ASP B 424 30.62 -3.66 -52.08
CA ASP B 424 31.40 -3.54 -53.30
C ASP B 424 30.69 -4.14 -54.51
N GLY B 425 29.84 -5.13 -54.28
CA GLY B 425 29.14 -5.77 -55.38
C GLY B 425 27.85 -5.08 -55.78
N LEU B 426 27.56 -3.94 -55.14
CA LEU B 426 26.33 -3.20 -55.43
C LEU B 426 26.48 -2.22 -56.60
N ALA B 427 25.43 -2.12 -57.41
CA ALA B 427 25.43 -1.21 -58.56
C ALA B 427 25.01 0.18 -58.10
N LEU B 428 25.92 0.84 -57.38
CA LEU B 428 25.67 2.19 -56.86
C LEU B 428 26.80 3.12 -57.28
N PRO B 429 26.53 4.44 -57.31
CA PRO B 429 27.60 5.36 -57.70
C PRO B 429 28.72 5.28 -56.67
N GLU B 430 29.96 5.18 -57.14
CA GLU B 430 31.11 5.07 -56.24
C GLU B 430 31.01 5.92 -55.00
N GLU B 431 30.56 7.17 -55.15
CA GLU B 431 30.42 8.08 -54.03
C GLU B 431 29.62 7.46 -52.90
N GLU B 432 28.48 6.87 -53.25
CA GLU B 432 27.61 6.24 -52.27
C GLU B 432 28.23 4.94 -51.73
N LYS B 433 28.90 4.20 -52.61
CA LYS B 433 29.54 2.95 -52.19
C LYS B 433 30.57 3.25 -51.12
N ALA B 434 31.38 4.27 -51.36
CA ALA B 434 32.42 4.67 -50.42
C ALA B 434 31.81 5.18 -49.12
N ARG B 435 30.68 5.87 -49.24
CA ARG B 435 30.00 6.41 -48.07
C ARG B 435 29.56 5.24 -47.17
N LEU B 436 29.09 4.16 -47.79
CA LEU B 436 28.65 2.98 -47.05
C LEU B 436 29.83 2.23 -46.43
N LYS B 437 30.92 2.13 -47.17
CA LYS B 437 32.10 1.43 -46.68
C LYS B 437 32.80 2.20 -45.56
N ALA B 438 32.47 3.48 -45.44
CA ALA B 438 33.05 4.33 -44.41
C ALA B 438 32.33 4.22 -43.06
N MET B 439 31.08 3.76 -43.09
CA MET B 439 30.37 3.67 -41.82
C MET B 439 30.68 2.41 -41.03
N THR B 440 30.47 2.49 -39.73
CA THR B 440 30.72 1.39 -38.82
C THR B 440 29.55 1.42 -37.83
N PRO B 441 29.35 0.33 -37.09
CA PRO B 441 28.22 0.37 -36.15
C PRO B 441 28.39 1.51 -35.14
N ALA B 442 29.64 1.85 -34.82
CA ALA B 442 29.91 2.93 -33.86
C ALA B 442 29.55 4.31 -34.39
N ASN B 443 29.66 4.54 -35.70
CA ASN B 443 29.31 5.84 -36.23
C ASN B 443 27.95 5.88 -36.92
N TYR B 444 27.27 4.74 -36.94
CA TYR B 444 25.93 4.67 -37.54
C TYR B 444 24.95 5.03 -36.43
N ILE B 445 25.06 6.26 -35.94
CA ILE B 445 24.20 6.71 -34.85
C ILE B 445 23.15 7.75 -35.22
N GLY B 446 22.98 7.99 -36.51
CA GLY B 446 21.98 8.96 -36.93
C GLY B 446 22.14 10.35 -36.33
N ARG B 447 21.02 10.92 -35.88
CA ARG B 447 20.99 12.27 -35.31
C ARG B 447 21.13 12.30 -33.79
N ALA B 448 21.47 11.15 -33.20
CA ALA B 448 21.61 11.03 -31.75
C ALA B 448 22.30 12.19 -31.04
N ILE B 449 23.52 12.53 -31.45
CA ILE B 449 24.25 13.60 -30.80
C ILE B 449 23.55 14.94 -30.85
N THR B 450 23.07 15.32 -32.03
CA THR B 450 22.38 16.60 -32.20
C THR B 450 21.07 16.59 -31.43
N MET B 451 20.43 15.43 -31.33
CA MET B 451 19.18 15.31 -30.58
C MET B 451 19.44 15.71 -29.14
N VAL B 452 20.57 15.25 -28.61
CA VAL B 452 20.94 15.56 -27.23
C VAL B 452 21.21 17.06 -27.08
N ASP B 453 21.97 17.63 -28.00
CA ASP B 453 22.30 19.05 -27.94
C ASP B 453 21.09 19.97 -28.03
N GLU B 454 20.04 19.54 -28.73
CA GLU B 454 18.84 20.36 -28.89
C GLU B 454 17.80 20.18 -27.79
N LEU B 455 18.03 19.24 -26.87
CA LEU B 455 17.07 19.01 -25.80
C LEU B 455 16.72 20.30 -25.09
N LYS B 456 17.73 21.14 -24.82
CA LYS B 456 17.53 22.40 -24.12
C LYS B 456 16.56 23.34 -24.85
N HIS B 457 16.26 23.03 -26.10
CA HIS B 457 15.35 23.86 -26.87
C HIS B 457 13.90 23.47 -26.70
N HIS B 458 13.65 22.44 -25.90
CA HIS B 458 12.29 22.01 -25.66
C HIS B 458 11.89 22.34 -24.23
#